data_1OJK
#
_entry.id   1OJK
#
_cell.length_a   66.282
_cell.length_b   74.830
_cell.length_c   86.105
_cell.angle_alpha   90.00
_cell.angle_beta   102.57
_cell.angle_gamma   90.00
#
_symmetry.space_group_name_H-M   'P 1 21 1'
#
loop_
_entity.id
_entity.type
_entity.pdbx_description
1 polymer 'ENDOGLUCANASE I'
2 branched beta-D-glucopyranose-(1-4)-alpha-D-glucopyranose
3 branched beta-D-glucopyranose-(1-4)-beta-D-glucopyranose
4 non-polymer 2-acetamido-2-deoxy-beta-D-glucopyranose
5 non-polymer GLYCEROL
6 water water
#
_entity_poly.entity_id   1
_entity_poly.type   'polypeptide(L)'
_entity_poly.pdbx_seq_one_letter_code
;(PCA)KPGETKEVHPQLTTFRCTKRGGCKPATNFIVLDSLSHPIHRAEGLGPGGCGDWGNPPPKDVCPDVESCAKNCIME
GIPDYSQYGVTTNGTSLRLQHILPDGRVPSPRVYLLDKTKRRYEMLHLTGFEFTFDVDATKLPCGMNSALYLSEMHPTGA
KSKYNPGGAYYGTGYCDAQCFVTPFINGLGNIEGKGSCCNSMDIWEANSRASHVAPHTCNKKGLYLCEGEECAFEGVCDK
NGCGWNNYRVNVTDYYGRGEEFKVNTLKPFTVVTQFLANRRGKLEKIHRFYVQDGKVIESFYTNKEGVPYTNMIDDEFCE
ATGSRKYMELGATQGMGEALTRGMVLAMSIWWDQGGNMEWLDHGEAGPCAKGEGAPSNIVQVEPFPEVTYTNLRWGEIGS
TYQELQ
;
_entity_poly.pdbx_strand_id   A,B
#
loop_
_chem_comp.id
_chem_comp.type
_chem_comp.name
_chem_comp.formula
BGC D-saccharide, beta linking beta-D-glucopyranose 'C6 H12 O6'
GLC D-saccharide, alpha linking alpha-D-glucopyranose 'C6 H12 O6'
GOL non-polymer GLYCEROL 'C3 H8 O3'
NAG D-saccharide, beta linking 2-acetamido-2-deoxy-beta-D-glucopyranose 'C8 H15 N O6'
#
# COMPACT_ATOMS: atom_id res chain seq x y z
N PCA A 1 -38.68 -3.70 6.94
CA PCA A 1 -38.97 -5.06 6.54
CB PCA A 1 -37.71 -5.58 5.83
CG PCA A 1 -36.58 -4.62 6.13
CD PCA A 1 -37.29 -3.47 6.77
OE PCA A 1 -36.75 -2.41 7.16
C PCA A 1 -39.38 -5.92 7.73
O PCA A 1 -39.03 -5.63 8.88
N LYS A 2 -40.15 -6.96 7.45
CA LYS A 2 -40.70 -7.82 8.53
C LYS A 2 -39.64 -8.75 9.10
N PRO A 3 -39.43 -8.74 10.42
CA PRO A 3 -38.49 -9.66 11.02
C PRO A 3 -38.80 -11.13 10.69
N GLY A 4 -37.74 -11.88 10.35
CA GLY A 4 -37.83 -13.30 10.04
C GLY A 4 -37.77 -14.17 11.28
N GLU A 5 -37.68 -15.47 11.08
CA GLU A 5 -37.64 -16.42 12.20
C GLU A 5 -36.27 -16.58 12.83
N THR A 6 -35.21 -16.20 12.13
CA THR A 6 -33.88 -16.44 12.66
C THR A 6 -33.62 -15.49 13.81
N LYS A 7 -32.99 -15.99 14.86
CA LYS A 7 -32.73 -15.20 16.06
C LYS A 7 -31.63 -14.18 15.82
N GLU A 8 -31.79 -13.02 16.43
CA GLU A 8 -30.76 -11.96 16.48
C GLU A 8 -29.99 -12.16 17.76
N VAL A 9 -28.67 -12.39 17.66
CA VAL A 9 -27.84 -12.57 18.86
C VAL A 9 -26.83 -11.42 18.88
N HIS A 10 -27.15 -10.38 19.65
CA HIS A 10 -26.29 -9.19 19.64
C HIS A 10 -25.03 -9.40 20.46
N PRO A 11 -23.87 -9.02 19.93
CA PRO A 11 -22.68 -8.98 20.79
C PRO A 11 -22.86 -7.99 21.95
N GLN A 12 -22.39 -8.40 23.14
CA GLN A 12 -22.42 -7.52 24.32
C GLN A 12 -21.12 -6.75 24.36
N LEU A 13 -21.18 -5.49 24.79
CA LEU A 13 -20.01 -4.65 24.89
C LEU A 13 -20.11 -3.84 26.17
N THR A 14 -19.09 -3.94 27.01
CA THR A 14 -19.04 -3.11 28.22
C THR A 14 -18.41 -1.77 27.86
N THR A 15 -19.07 -0.70 28.27
CA THR A 15 -18.59 0.68 28.08
C THR A 15 -18.58 1.33 29.46
N PHE A 16 -18.24 2.62 29.54
CA PHE A 16 -18.12 3.29 30.85
C PHE A 16 -18.76 4.66 30.85
N ARG A 17 -19.27 5.06 32.01
CA ARG A 17 -19.76 6.40 32.30
C ARG A 17 -18.85 6.98 33.35
N CYS A 18 -18.34 8.18 33.11
CA CYS A 18 -17.24 8.72 33.90
C CYS A 18 -17.60 10.04 34.59
N THR A 19 -17.15 10.19 35.84
CA THR A 19 -17.19 11.46 36.56
C THR A 19 -15.87 11.64 37.26
N LYS A 20 -15.56 12.88 37.62
CA LYS A 20 -14.36 13.16 38.40
C LYS A 20 -14.36 12.45 39.75
N ARG A 21 -15.49 12.49 40.44
CA ARG A 21 -15.61 11.90 41.80
C ARG A 21 -15.58 10.37 41.81
N GLY A 22 -16.25 9.74 40.83
CA GLY A 22 -16.42 8.29 40.83
C GLY A 22 -15.56 7.52 39.84
N GLY A 23 -14.81 8.25 39.02
CA GLY A 23 -14.04 7.64 37.93
C GLY A 23 -14.97 7.04 36.86
N CYS A 24 -14.44 6.12 36.09
CA CYS A 24 -15.20 5.45 35.04
C CYS A 24 -15.84 4.18 35.57
N LYS A 25 -17.16 4.09 35.45
CA LYS A 25 -17.93 2.96 35.97
C LYS A 25 -18.56 2.16 34.82
N PRO A 26 -18.49 0.84 34.88
CA PRO A 26 -18.92 0.03 33.74
C PRO A 26 -20.42 0.01 33.52
N ALA A 27 -20.80 -0.19 32.26
CA ALA A 27 -22.21 -0.21 31.82
C ALA A 27 -22.33 -1.27 30.73
N THR A 28 -23.43 -1.99 30.74
CA THR A 28 -23.68 -2.97 29.73
C THR A 28 -24.38 -2.38 28.52
N ASN A 29 -23.81 -2.60 27.36
CA ASN A 29 -24.43 -2.20 26.11
C ASN A 29 -24.40 -3.39 25.12
N PHE A 30 -25.10 -3.24 24.00
CA PHE A 30 -25.08 -4.25 22.94
C PHE A 30 -24.80 -3.61 21.59
N ILE A 31 -24.42 -4.45 20.64
CA ILE A 31 -24.01 -4.05 19.29
C ILE A 31 -24.99 -4.60 18.26
N VAL A 32 -25.45 -3.75 17.35
CA VAL A 32 -26.36 -4.16 16.28
C VAL A 32 -25.88 -3.72 14.91
N LEU A 33 -25.91 -4.65 13.94
CA LEU A 33 -25.54 -4.33 12.58
C LEU A 33 -26.63 -3.53 11.91
N ASP A 34 -26.27 -2.73 10.90
CA ASP A 34 -27.31 -2.01 10.16
C ASP A 34 -28.40 -2.96 9.69
N SER A 35 -29.64 -2.48 9.70
CA SER A 35 -30.78 -3.30 9.28
C SER A 35 -30.56 -3.90 7.91
N LEU A 36 -30.10 -3.11 6.94
CA LEU A 36 -30.01 -3.58 5.57
C LEU A 36 -28.79 -4.43 5.29
N SER A 37 -27.96 -4.61 6.31
CA SER A 37 -26.85 -5.55 6.30
C SER A 37 -27.27 -6.94 6.81
N HIS A 38 -28.45 -7.02 7.43
CA HIS A 38 -29.07 -8.29 7.76
C HIS A 38 -29.53 -8.96 6.46
N PRO A 39 -29.68 -10.28 6.42
CA PRO A 39 -30.21 -10.89 5.21
C PRO A 39 -31.64 -10.43 4.93
N ILE A 40 -31.87 -9.91 3.74
CA ILE A 40 -33.16 -9.44 3.29
C ILE A 40 -33.62 -10.34 2.15
N HIS A 41 -34.81 -10.94 2.30
CA HIS A 41 -35.36 -11.80 1.25
C HIS A 41 -36.87 -11.56 1.17
N ARG A 42 -37.54 -12.36 0.34
CA ARG A 42 -38.97 -12.16 0.13
C ARG A 42 -39.82 -13.17 0.90
N ALA A 43 -41.09 -12.83 1.04
CA ALA A 43 -42.05 -13.68 1.71
C ALA A 43 -42.23 -15.01 0.99
N GLU A 44 -42.86 -15.96 1.68
CA GLU A 44 -43.02 -17.33 1.16
C GLU A 44 -43.68 -17.31 -0.21
N GLY A 45 -43.16 -18.15 -1.10
CA GLY A 45 -43.71 -18.30 -2.44
C GLY A 45 -43.35 -17.25 -3.47
N LEU A 46 -42.70 -16.16 -3.05
CA LEU A 46 -42.38 -15.04 -3.94
C LEU A 46 -41.03 -15.19 -4.65
N GLY A 47 -40.34 -16.30 -4.44
CA GLY A 47 -39.08 -16.52 -5.14
C GLY A 47 -37.89 -15.91 -4.45
N PRO A 48 -36.71 -16.05 -5.06
CA PRO A 48 -35.44 -15.60 -4.49
C PRO A 48 -35.21 -14.13 -4.69
N GLY A 49 -34.19 -13.59 -4.05
CA GLY A 49 -33.79 -12.20 -4.22
C GLY A 49 -34.16 -11.35 -3.03
N GLY A 50 -33.64 -10.14 -3.01
CA GLY A 50 -33.86 -9.18 -1.93
C GLY A 50 -34.93 -8.15 -2.24
N CYS A 51 -34.86 -7.05 -1.51
CA CYS A 51 -35.80 -5.96 -1.69
C CYS A 51 -35.10 -4.63 -1.97
N GLY A 52 -34.07 -4.70 -2.81
CA GLY A 52 -33.39 -3.52 -3.30
C GLY A 52 -31.96 -3.37 -2.84
N ASP A 53 -31.20 -2.69 -3.69
CA ASP A 53 -29.81 -2.40 -3.41
C ASP A 53 -29.63 -0.94 -2.96
N TRP A 54 -28.51 -0.70 -2.28
CA TRP A 54 -28.12 0.64 -1.87
C TRP A 54 -28.23 1.61 -3.07
N GLY A 55 -28.77 2.80 -2.80
CA GLY A 55 -28.88 3.85 -3.81
C GLY A 55 -30.21 3.92 -4.52
N ASN A 56 -31.09 2.95 -4.25
CA ASN A 56 -32.31 2.77 -5.01
C ASN A 56 -33.52 2.65 -4.10
N PRO A 57 -34.71 2.96 -4.63
CA PRO A 57 -35.95 2.54 -3.98
C PRO A 57 -36.03 1.01 -4.07
N PRO A 58 -36.92 0.42 -3.29
CA PRO A 58 -37.13 -1.02 -3.34
C PRO A 58 -37.91 -1.34 -4.62
N PRO A 59 -37.84 -2.58 -5.06
CA PRO A 59 -38.46 -2.97 -6.33
C PRO A 59 -39.97 -2.90 -6.27
N LYS A 60 -40.58 -2.41 -7.35
CA LYS A 60 -42.02 -2.26 -7.40
C LYS A 60 -42.79 -3.57 -7.41
N ASP A 61 -42.18 -4.68 -7.82
CA ASP A 61 -42.91 -5.95 -7.89
C ASP A 61 -43.41 -6.35 -6.52
N VAL A 62 -42.57 -6.17 -5.50
CA VAL A 62 -42.93 -6.53 -4.12
C VAL A 62 -43.24 -5.33 -3.22
N CYS A 63 -42.82 -4.13 -3.65
CA CYS A 63 -42.97 -2.93 -2.86
C CYS A 63 -43.66 -1.83 -3.67
N PRO A 64 -44.90 -2.04 -4.13
CA PRO A 64 -45.63 -0.99 -4.81
C PRO A 64 -46.01 0.17 -3.87
N ASP A 65 -46.09 -0.12 -2.59
CA ASP A 65 -46.41 0.81 -1.54
C ASP A 65 -45.81 0.29 -0.23
N VAL A 66 -45.83 1.11 0.80
CA VAL A 66 -45.18 0.80 2.08
C VAL A 66 -45.82 -0.41 2.74
N GLU A 67 -47.16 -0.45 2.75
CA GLU A 67 -47.86 -1.53 3.38
C GLU A 67 -47.55 -2.89 2.77
N SER A 68 -47.48 -2.95 1.44
CA SER A 68 -47.17 -4.19 0.75
C SER A 68 -45.74 -4.64 1.01
N CYS A 69 -44.82 -3.67 0.96
CA CYS A 69 -43.38 -3.89 1.16
C CYS A 69 -43.13 -4.49 2.54
N ALA A 70 -43.91 -4.04 3.50
CA ALA A 70 -43.77 -4.46 4.91
C ALA A 70 -44.10 -5.92 5.12
N LYS A 71 -44.92 -6.48 4.23
CA LYS A 71 -45.36 -7.87 4.33
C LYS A 71 -44.59 -8.81 3.39
N ASN A 72 -44.08 -8.24 2.29
CA ASN A 72 -43.39 -9.01 1.27
C ASN A 72 -41.87 -9.14 1.44
N CYS A 73 -41.29 -8.28 2.26
CA CYS A 73 -39.84 -8.23 2.47
C CYS A 73 -39.54 -8.63 3.89
N ILE A 74 -38.63 -9.59 4.05
CA ILE A 74 -38.29 -10.22 5.31
C ILE A 74 -36.84 -9.94 5.65
N MET A 75 -36.61 -9.54 6.91
CA MET A 75 -35.27 -9.23 7.41
C MET A 75 -34.92 -10.25 8.48
N GLU A 76 -33.91 -11.09 8.21
CA GLU A 76 -33.54 -12.14 9.17
C GLU A 76 -32.66 -11.66 10.30
N GLY A 77 -32.87 -12.21 11.49
CA GLY A 77 -31.90 -12.02 12.55
C GLY A 77 -30.58 -12.68 12.20
N ILE A 78 -29.50 -12.14 12.75
CA ILE A 78 -28.15 -12.68 12.61
C ILE A 78 -27.78 -13.37 13.92
N PRO A 79 -27.66 -14.68 13.93
CA PRO A 79 -27.31 -15.41 15.13
C PRO A 79 -25.83 -15.57 15.39
N ASP A 80 -25.01 -15.16 14.42
CA ASP A 80 -23.54 -15.23 14.57
C ASP A 80 -22.92 -14.03 13.90
N TYR A 81 -22.70 -12.99 14.68
CA TYR A 81 -22.15 -11.74 14.13
C TYR A 81 -20.72 -11.87 13.60
N SER A 82 -20.00 -12.90 13.99
CA SER A 82 -18.65 -13.10 13.44
C SER A 82 -18.64 -13.34 11.93
N GLN A 83 -19.78 -13.77 11.39
CA GLN A 83 -19.91 -13.92 9.94
C GLN A 83 -19.91 -12.61 9.19
N TYR A 84 -20.05 -11.49 9.92
CA TYR A 84 -20.06 -10.16 9.35
C TYR A 84 -18.84 -9.36 9.83
N GLY A 85 -17.85 -10.08 10.36
CA GLY A 85 -16.66 -9.43 10.86
C GLY A 85 -16.82 -8.63 12.14
N VAL A 86 -17.86 -8.94 12.92
CA VAL A 86 -18.16 -8.21 14.17
C VAL A 86 -18.03 -9.17 15.35
N THR A 87 -17.09 -8.88 16.26
CA THR A 87 -16.94 -9.63 17.51
C THR A 87 -16.64 -8.69 18.67
N THR A 88 -17.00 -9.10 19.88
CA THR A 88 -16.62 -8.37 21.07
C THR A 88 -15.93 -9.30 22.07
N ASN A 89 -15.16 -8.66 22.94
CA ASN A 89 -14.47 -9.33 24.04
C ASN A 89 -14.39 -8.33 25.16
N GLY A 90 -15.33 -8.41 26.10
CA GLY A 90 -15.36 -7.50 27.24
C GLY A 90 -15.64 -6.08 26.82
N THR A 91 -14.63 -5.23 26.88
CA THR A 91 -14.75 -3.83 26.45
C THR A 91 -14.22 -3.55 25.05
N SER A 92 -13.84 -4.59 24.31
CA SER A 92 -13.32 -4.44 22.96
C SER A 92 -14.34 -4.86 21.90
N LEU A 93 -14.40 -4.06 20.84
CA LEU A 93 -15.16 -4.31 19.63
C LEU A 93 -14.19 -4.41 18.46
N ARG A 94 -14.19 -5.55 17.78
CA ARG A 94 -13.32 -5.78 16.63
C ARG A 94 -14.21 -5.79 15.39
N LEU A 95 -13.85 -4.94 14.41
CA LEU A 95 -14.47 -4.87 13.11
C LEU A 95 -13.47 -5.26 12.02
N GLN A 96 -13.75 -6.39 11.39
CA GLN A 96 -12.97 -6.92 10.28
C GLN A 96 -13.60 -6.51 8.96
N HIS A 97 -12.82 -5.85 8.11
CA HIS A 97 -13.33 -5.38 6.81
C HIS A 97 -13.50 -6.58 5.85
N ILE A 98 -12.50 -7.47 5.89
CA ILE A 98 -12.39 -8.65 4.99
C ILE A 98 -12.12 -9.84 5.87
N LEU A 99 -12.85 -10.94 5.60
CA LEU A 99 -12.74 -12.18 6.35
C LEU A 99 -11.75 -13.08 5.63
N PRO A 100 -11.15 -14.05 6.35
CA PRO A 100 -10.21 -14.98 5.71
C PRO A 100 -10.71 -15.65 4.43
N ASP A 101 -12.00 -15.95 4.37
CA ASP A 101 -12.58 -16.57 3.18
C ASP A 101 -12.83 -15.62 2.03
N GLY A 102 -12.49 -14.34 2.22
CA GLY A 102 -12.59 -13.36 1.13
C GLY A 102 -13.86 -12.52 1.07
N ARG A 103 -14.83 -12.82 1.93
CA ARG A 103 -15.99 -11.95 2.05
C ARG A 103 -15.51 -10.58 2.55
N VAL A 104 -16.20 -9.53 2.07
CA VAL A 104 -15.91 -8.13 2.45
C VAL A 104 -17.15 -7.55 3.15
N PRO A 105 -17.39 -7.96 4.41
CA PRO A 105 -18.59 -7.49 5.11
C PRO A 105 -18.64 -6.00 5.38
N SER A 106 -17.49 -5.35 5.48
CA SER A 106 -17.46 -3.89 5.73
C SER A 106 -18.53 -3.45 6.75
N PRO A 107 -18.50 -4.02 7.95
CA PRO A 107 -19.58 -3.82 8.92
C PRO A 107 -19.75 -2.40 9.44
N ARG A 108 -21.02 -2.03 9.60
CA ARG A 108 -21.45 -0.81 10.29
C ARG A 108 -22.42 -1.21 11.39
N VAL A 109 -22.13 -0.79 12.62
CA VAL A 109 -22.90 -1.15 13.79
C VAL A 109 -23.27 0.06 14.63
N TYR A 110 -24.33 -0.11 15.42
CA TYR A 110 -24.77 0.91 16.39
C TYR A 110 -24.74 0.36 17.81
N LEU A 111 -24.66 1.28 18.78
CA LEU A 111 -24.66 0.93 20.18
C LEU A 111 -26.10 0.95 20.71
N LEU A 112 -26.57 -0.22 21.15
CA LEU A 112 -27.87 -0.35 21.82
C LEU A 112 -27.72 -0.19 23.33
N ASP A 113 -28.79 0.25 23.97
CA ASP A 113 -28.85 0.28 25.43
C ASP A 113 -29.07 -1.14 25.98
N LYS A 114 -29.04 -1.24 27.31
CA LYS A 114 -29.09 -2.52 27.97
C LYS A 114 -30.35 -3.35 27.72
N THR A 115 -31.39 -2.72 27.19
CA THR A 115 -32.64 -3.44 26.85
C THR A 115 -32.65 -4.05 25.46
N LYS A 116 -31.69 -3.66 24.62
CA LYS A 116 -31.60 -4.07 23.21
C LYS A 116 -32.67 -3.45 22.33
N ARG A 117 -33.55 -2.64 22.87
CA ARG A 117 -34.70 -2.14 22.07
C ARG A 117 -34.73 -0.64 21.89
N ARG A 118 -33.68 0.02 22.35
CA ARG A 118 -33.51 1.45 22.13
C ARG A 118 -32.01 1.70 21.95
N TYR A 119 -31.62 2.57 21.03
CA TYR A 119 -30.21 2.97 20.95
C TYR A 119 -29.79 3.70 22.22
N GLU A 120 -28.52 3.56 22.60
CA GLU A 120 -27.96 4.36 23.68
C GLU A 120 -27.85 5.79 23.18
N MET A 121 -28.55 6.72 23.79
CA MET A 121 -28.56 8.07 23.27
C MET A 121 -27.52 8.87 24.04
N LEU A 122 -26.53 9.35 23.32
CA LEU A 122 -25.44 10.11 23.93
C LEU A 122 -25.77 11.59 23.80
N HIS A 123 -25.51 12.35 24.86
CA HIS A 123 -25.75 13.78 24.92
C HIS A 123 -24.42 14.43 25.31
N LEU A 124 -23.60 14.78 24.31
CA LEU A 124 -22.20 15.09 24.53
C LEU A 124 -21.82 16.55 24.70
N THR A 125 -22.72 17.50 24.41
CA THR A 125 -22.37 18.92 24.59
C THR A 125 -22.08 19.17 26.07
N GLY A 126 -20.89 19.71 26.33
CA GLY A 126 -20.42 19.94 27.69
C GLY A 126 -19.76 18.74 28.36
N PHE A 127 -19.51 17.70 27.56
CA PHE A 127 -18.93 16.44 28.06
C PHE A 127 -17.80 16.00 27.13
N GLU A 128 -17.20 14.84 27.43
CA GLU A 128 -16.16 14.28 26.61
C GLU A 128 -16.42 12.79 26.36
N PHE A 129 -15.97 12.36 25.18
CA PHE A 129 -16.04 10.96 24.76
C PHE A 129 -14.64 10.48 24.41
N THR A 130 -14.27 9.30 24.91
CA THR A 130 -12.93 8.76 24.76
C THR A 130 -13.01 7.27 24.44
N PHE A 131 -12.03 6.82 23.68
CA PHE A 131 -11.88 5.40 23.38
C PHE A 131 -10.43 5.07 23.12
N ASP A 132 -10.08 3.80 23.24
CA ASP A 132 -8.77 3.32 22.83
C ASP A 132 -8.92 2.63 21.49
N VAL A 133 -7.87 2.67 20.67
CA VAL A 133 -7.93 2.08 19.33
C VAL A 133 -6.61 1.39 18.92
N ASP A 134 -6.74 0.36 18.09
CA ASP A 134 -5.61 -0.24 17.40
C ASP A 134 -5.85 -0.04 15.90
N ALA A 135 -5.08 0.87 15.31
CA ALA A 135 -5.20 1.26 13.92
C ALA A 135 -4.11 0.64 13.03
N THR A 136 -3.32 -0.29 13.57
CA THR A 136 -2.17 -0.81 12.82
C THR A 136 -2.51 -1.44 11.47
N LYS A 137 -3.65 -2.12 11.39
CA LYS A 137 -4.04 -2.82 10.15
C LYS A 137 -4.94 -1.97 9.24
N LEU A 138 -4.79 -0.65 9.32
CA LEU A 138 -5.53 0.26 8.45
C LEU A 138 -4.57 1.06 7.57
N PRO A 139 -4.31 0.58 6.36
CA PRO A 139 -3.46 1.33 5.43
C PRO A 139 -4.19 2.47 4.74
N CYS A 140 -3.46 3.23 3.92
CA CYS A 140 -4.01 4.21 3.00
C CYS A 140 -5.28 3.69 2.37
N GLY A 141 -6.30 4.56 2.31
CA GLY A 141 -7.55 4.21 1.67
C GLY A 141 -8.61 3.62 2.56
N MET A 142 -8.22 3.08 3.72
CA MET A 142 -9.20 2.57 4.68
C MET A 142 -9.73 3.68 5.57
N ASN A 143 -11.03 3.60 5.86
CA ASN A 143 -11.69 4.48 6.82
C ASN A 143 -12.25 3.64 7.96
N SER A 144 -11.64 3.72 9.14
CA SER A 144 -12.31 3.28 10.35
C SER A 144 -13.02 4.49 10.94
N ALA A 145 -14.32 4.30 11.21
CA ALA A 145 -15.17 5.40 11.63
C ALA A 145 -15.84 5.12 12.98
N LEU A 146 -15.97 6.17 13.75
CA LEU A 146 -16.68 6.15 15.04
C LEU A 146 -17.33 7.51 15.10
N TYR A 147 -18.67 7.55 15.07
CA TYR A 147 -19.36 8.80 14.82
C TYR A 147 -20.77 8.76 15.35
N LEU A 148 -21.42 9.91 15.34
CA LEU A 148 -22.77 10.06 15.86
C LEU A 148 -23.68 10.50 14.76
N SER A 149 -24.87 9.89 14.68
CA SER A 149 -25.93 10.35 13.76
C SER A 149 -27.21 10.58 14.57
N GLU A 150 -27.98 11.57 14.17
CA GLU A 150 -29.25 11.88 14.87
C GLU A 150 -30.41 10.98 14.42
N MET A 151 -30.23 9.69 14.68
CA MET A 151 -31.23 8.66 14.43
C MET A 151 -32.27 8.65 15.54
N HIS A 152 -33.45 8.12 15.21
CA HIS A 152 -34.54 7.99 16.15
C HIS A 152 -34.19 6.93 17.19
N PRO A 153 -34.50 7.15 18.47
CA PRO A 153 -34.02 6.22 19.52
C PRO A 153 -34.49 4.79 19.44
N THR A 154 -35.67 4.52 18.89
CA THR A 154 -36.10 3.13 18.68
C THR A 154 -35.98 2.73 17.23
N GLY A 155 -35.20 3.46 16.44
CA GLY A 155 -35.10 3.18 15.04
C GLY A 155 -36.42 3.41 14.33
N ALA A 156 -37.24 4.29 14.92
CA ALA A 156 -38.59 4.56 14.43
C ALA A 156 -39.44 3.29 14.37
N LYS A 157 -39.42 2.51 15.45
CA LYS A 157 -40.30 1.36 15.56
C LYS A 157 -41.75 1.84 15.31
N SER A 158 -42.47 1.09 14.49
CA SER A 158 -43.82 1.45 14.08
C SER A 158 -44.59 0.25 13.57
N LYS A 159 -45.85 0.45 13.18
CA LYS A 159 -46.68 -0.66 12.73
C LYS A 159 -46.02 -1.46 11.61
N TYR A 160 -45.44 -0.78 10.63
CA TYR A 160 -44.84 -1.48 9.50
C TYR A 160 -43.35 -1.79 9.73
N ASN A 161 -42.75 -1.22 10.79
CA ASN A 161 -41.40 -1.51 11.23
C ASN A 161 -41.41 -2.00 12.68
N PRO A 162 -41.89 -3.23 12.93
CA PRO A 162 -41.89 -3.77 14.29
C PRO A 162 -40.49 -4.07 14.81
N GLY A 163 -39.55 -4.29 13.92
CA GLY A 163 -38.18 -4.62 14.31
C GLY A 163 -37.46 -3.50 15.08
N GLY A 164 -37.47 -2.31 14.51
CA GLY A 164 -36.88 -1.15 15.20
C GLY A 164 -35.40 -1.28 15.45
N ALA A 165 -34.95 -0.65 16.54
CA ALA A 165 -33.54 -0.61 16.88
C ALA A 165 -32.91 -1.98 17.13
N TYR A 166 -33.75 -2.92 17.58
CA TYR A 166 -33.30 -4.27 17.84
C TYR A 166 -32.70 -4.89 16.56
N TYR A 167 -33.16 -4.45 15.39
CA TYR A 167 -32.64 -4.89 14.11
C TYR A 167 -31.83 -3.82 13.37
N GLY A 168 -31.51 -2.73 14.07
CA GLY A 168 -30.65 -1.69 13.50
C GLY A 168 -31.30 -0.80 12.46
N THR A 169 -32.61 -0.60 12.56
CA THR A 169 -33.30 0.27 11.61
C THR A 169 -33.08 1.76 11.88
N GLY A 170 -33.35 2.60 10.88
CA GLY A 170 -33.33 4.05 11.08
C GLY A 170 -32.05 4.79 10.75
N TYR A 171 -31.07 4.14 10.11
CA TYR A 171 -29.82 4.84 9.79
C TYR A 171 -30.04 6.08 8.91
N CYS A 172 -29.29 7.14 9.20
CA CYS A 172 -29.20 8.34 8.40
C CYS A 172 -27.83 8.97 8.60
N ASP A 173 -27.44 9.85 7.71
CA ASP A 173 -26.25 10.65 7.88
C ASP A 173 -26.29 11.87 6.97
N ALA A 174 -25.22 12.67 7.02
CA ALA A 174 -25.19 13.99 6.38
C ALA A 174 -25.03 13.91 4.87
N GLN A 175 -24.93 12.69 4.32
CA GLN A 175 -24.83 12.51 2.89
C GLN A 175 -26.19 12.34 2.19
N CYS A 176 -27.26 12.12 2.97
CA CYS A 176 -28.61 12.03 2.39
C CYS A 176 -28.72 10.93 1.32
N PHE A 177 -28.10 9.78 1.55
CA PHE A 177 -28.13 8.70 0.58
C PHE A 177 -29.52 8.07 0.47
N VAL A 178 -29.81 7.54 -0.72
CA VAL A 178 -31.02 6.80 -0.98
C VAL A 178 -30.80 5.34 -0.60
N THR A 179 -31.61 4.83 0.32
CA THR A 179 -31.59 3.40 0.69
C THR A 179 -33.00 2.85 0.50
N PRO A 180 -33.12 1.56 0.15
CA PRO A 180 -34.45 1.02 -0.18
C PRO A 180 -35.45 0.95 0.95
N PHE A 181 -34.95 1.02 2.19
CA PHE A 181 -35.77 1.22 3.35
C PHE A 181 -35.21 2.39 4.13
N ILE A 182 -36.09 3.22 4.67
CA ILE A 182 -35.72 4.33 5.56
C ILE A 182 -36.63 4.22 6.78
N ASN A 183 -36.07 4.27 7.99
CA ASN A 183 -36.89 4.09 9.20
C ASN A 183 -37.70 2.79 9.15
N GLY A 184 -37.09 1.78 8.55
CA GLY A 184 -37.71 0.46 8.48
C GLY A 184 -38.91 0.36 7.54
N LEU A 185 -39.09 1.37 6.69
CA LEU A 185 -40.22 1.43 5.77
C LEU A 185 -39.71 1.46 4.33
N GLY A 186 -40.38 0.76 3.42
CA GLY A 186 -39.97 0.83 2.02
C GLY A 186 -39.97 2.28 1.52
N ASN A 187 -38.88 2.66 0.87
CA ASN A 187 -38.66 4.03 0.42
C ASN A 187 -39.14 4.18 -1.02
N ILE A 188 -40.46 4.17 -1.16
CA ILE A 188 -41.10 4.02 -2.47
C ILE A 188 -40.73 5.16 -3.43
N GLU A 189 -40.59 6.36 -2.88
CA GLU A 189 -40.27 7.53 -3.69
C GLU A 189 -38.78 7.78 -3.87
N GLY A 190 -37.93 6.93 -3.32
CA GLY A 190 -36.48 7.08 -3.52
C GLY A 190 -35.93 8.37 -2.92
N LYS A 191 -36.45 8.73 -1.75
CA LYS A 191 -35.92 9.86 -0.96
C LYS A 191 -34.58 9.55 -0.32
N GLY A 192 -33.85 10.59 0.06
CA GLY A 192 -32.57 10.41 0.77
C GLY A 192 -32.76 10.45 2.26
N SER A 193 -31.84 9.81 2.97
CA SER A 193 -31.93 9.67 4.43
C SER A 193 -30.93 10.58 5.13
N CYS A 194 -31.42 11.75 5.50
CA CYS A 194 -30.58 12.84 6.02
C CYS A 194 -30.64 12.99 7.52
N CYS A 195 -29.50 13.28 8.11
CA CYS A 195 -29.47 13.81 9.49
C CYS A 195 -28.10 14.33 9.87
N ASN A 196 -28.08 15.15 10.90
CA ASN A 196 -26.85 15.67 11.48
C ASN A 196 -25.93 14.50 11.82
N SER A 197 -24.63 14.69 11.60
CA SER A 197 -23.65 13.67 11.91
C SER A 197 -22.42 14.36 12.50
N MET A 198 -21.93 13.84 13.63
CA MET A 198 -20.70 14.32 14.26
C MET A 198 -19.66 13.25 14.08
N ASP A 199 -18.68 13.48 13.21
CA ASP A 199 -17.66 12.48 12.96
C ASP A 199 -16.53 12.64 13.94
N ILE A 200 -16.65 11.95 15.07
CA ILE A 200 -15.61 11.97 16.11
C ILE A 200 -14.31 11.47 15.50
N TRP A 201 -14.37 10.33 14.79
CA TRP A 201 -13.17 9.66 14.29
C TRP A 201 -13.43 9.07 12.93
N GLU A 202 -12.66 9.51 11.93
CA GLU A 202 -12.52 8.83 10.64
C GLU A 202 -11.01 8.78 10.44
N ALA A 203 -10.45 7.57 10.45
CA ALA A 203 -9.01 7.49 10.48
C ALA A 203 -8.48 6.16 10.01
N ASN A 204 -7.21 6.16 9.68
CA ASN A 204 -6.43 4.94 9.48
C ASN A 204 -5.06 5.15 10.12
N SER A 205 -4.07 4.32 9.77
CA SER A 205 -2.75 4.46 10.44
C SER A 205 -1.95 5.61 9.88
N ARG A 206 -2.43 6.23 8.81
CA ARG A 206 -1.73 7.29 8.11
C ARG A 206 -2.29 8.71 8.34
N ALA A 207 -3.57 8.80 8.69
CA ALA A 207 -4.20 10.09 8.92
C ALA A 207 -5.38 9.95 9.87
N SER A 208 -5.63 11.03 10.60
CA SER A 208 -6.72 11.14 11.54
C SER A 208 -7.54 12.40 11.29
N HIS A 209 -8.84 12.22 11.05
CA HIS A 209 -9.78 13.29 10.68
C HIS A 209 -10.94 13.34 11.67
N VAL A 210 -11.35 14.56 12.04
CA VAL A 210 -12.49 14.84 12.88
C VAL A 210 -13.36 15.82 12.09
N ALA A 211 -14.68 15.66 12.12
CA ALA A 211 -15.54 16.62 11.40
C ALA A 211 -16.98 16.64 11.85
N PRO A 212 -17.47 17.77 12.36
CA PRO A 212 -18.91 17.95 12.50
C PRO A 212 -19.56 18.25 11.13
N HIS A 213 -20.76 17.67 10.91
CA HIS A 213 -21.57 17.92 9.71
C HIS A 213 -22.97 18.35 10.14
N THR A 214 -23.33 19.61 9.86
CA THR A 214 -24.64 20.11 10.24
C THR A 214 -25.69 19.85 9.15
N CYS A 215 -26.94 19.74 9.60
CA CYS A 215 -28.09 19.84 8.71
C CYS A 215 -29.06 20.86 9.29
N ASN A 216 -29.89 21.46 8.44
CA ASN A 216 -30.89 22.42 8.95
C ASN A 216 -32.23 21.79 9.28
N LYS A 217 -32.22 20.47 9.47
CA LYS A 217 -33.38 19.68 9.89
C LYS A 217 -33.00 18.84 11.10
N LYS A 218 -33.94 18.66 12.03
CA LYS A 218 -33.74 17.85 13.22
C LYS A 218 -34.08 16.39 12.99
N GLY A 219 -33.25 15.49 13.51
CA GLY A 219 -33.48 14.07 13.32
C GLY A 219 -33.41 13.63 11.87
N LEU A 220 -34.02 12.49 11.58
CA LEU A 220 -34.02 11.96 10.24
C LEU A 220 -35.03 12.71 9.38
N TYR A 221 -34.52 13.25 8.27
CA TYR A 221 -35.32 13.98 7.31
C TYR A 221 -35.21 13.27 5.95
N LEU A 222 -36.36 12.98 5.35
CA LEU A 222 -36.40 12.35 4.03
C LEU A 222 -36.40 13.46 2.99
N CYS A 223 -35.29 13.58 2.27
CA CYS A 223 -35.11 14.66 1.31
C CYS A 223 -35.59 14.27 -0.08
N GLU A 224 -36.01 15.27 -0.84
CA GLU A 224 -36.29 15.02 -2.25
C GLU A 224 -35.59 16.05 -3.13
N GLY A 225 -35.18 15.59 -4.29
CA GLY A 225 -34.55 16.45 -5.27
C GLY A 225 -33.37 17.21 -4.75
N GLU A 226 -33.39 18.53 -4.93
CA GLU A 226 -32.26 19.38 -4.57
C GLU A 226 -31.98 19.40 -3.08
N GLU A 227 -32.95 19.01 -2.26
CA GLU A 227 -32.74 18.95 -0.81
C GLU A 227 -31.62 17.97 -0.46
N CYS A 228 -31.46 16.95 -1.28
CA CYS A 228 -30.45 15.93 -1.06
C CYS A 228 -29.07 16.31 -1.57
N ALA A 229 -28.98 17.42 -2.30
CA ALA A 229 -27.75 17.80 -3.00
C ALA A 229 -26.85 18.74 -2.18
N PHE A 230 -25.73 19.15 -2.77
CA PHE A 230 -24.74 19.96 -2.04
C PHE A 230 -25.33 21.23 -1.43
N GLU A 231 -26.24 21.90 -2.14
CA GLU A 231 -26.86 23.15 -1.65
C GLU A 231 -28.17 22.91 -0.91
N GLY A 232 -28.34 21.68 -0.41
CA GLY A 232 -29.56 21.22 0.22
C GLY A 232 -29.56 21.31 1.74
N VAL A 233 -30.12 20.31 2.39
CA VAL A 233 -30.37 20.39 3.83
C VAL A 233 -29.22 19.96 4.71
N CYS A 234 -28.24 19.26 4.15
CA CYS A 234 -27.12 18.74 4.93
C CYS A 234 -25.76 19.11 4.35
N ASP A 235 -24.79 19.21 5.27
CA ASP A 235 -23.38 19.52 5.00
C ASP A 235 -22.61 18.27 4.66
N LYS A 236 -22.42 18.00 3.37
CA LYS A 236 -21.73 16.80 2.95
C LYS A 236 -20.25 16.79 3.33
N ASN A 237 -19.60 17.92 3.15
CA ASN A 237 -18.16 17.98 3.36
C ASN A 237 -17.74 17.92 4.83
N GLY A 238 -18.49 18.62 5.66
CA GLY A 238 -18.14 18.75 7.08
C GLY A 238 -17.09 19.82 7.30
N CYS A 239 -16.87 20.21 8.55
CA CYS A 239 -15.76 21.08 8.90
C CYS A 239 -14.59 20.19 9.34
N GLY A 240 -13.65 19.93 8.42
CA GLY A 240 -12.61 18.94 8.66
C GLY A 240 -11.47 19.44 9.49
N TRP A 241 -10.97 18.56 10.37
CA TRP A 241 -9.84 18.80 11.25
C TRP A 241 -8.85 17.63 11.08
N ASN A 242 -7.71 17.92 10.45
CA ASN A 242 -6.69 16.90 10.14
C ASN A 242 -5.36 17.66 10.20
N ASN A 243 -4.43 17.21 11.04
CA ASN A 243 -3.12 17.89 11.17
C ASN A 243 -2.47 18.20 9.83
N TYR A 244 -2.54 17.29 8.86
CA TYR A 244 -1.95 17.53 7.56
C TYR A 244 -2.52 18.70 6.82
N ARG A 245 -3.83 18.85 6.89
CA ARG A 245 -4.52 19.92 6.21
C ARG A 245 -4.18 21.29 6.78
N VAL A 246 -3.64 21.30 8.00
CA VAL A 246 -3.21 22.54 8.67
C VAL A 246 -1.68 22.63 8.81
N ASN A 247 -0.98 21.87 7.97
CA ASN A 247 0.47 21.98 7.78
C ASN A 247 1.27 21.54 8.99
N VAL A 248 0.82 20.46 9.64
CA VAL A 248 1.53 19.80 10.73
C VAL A 248 1.71 18.35 10.28
N THR A 249 2.96 17.93 10.05
CA THR A 249 3.23 16.64 9.40
C THR A 249 3.82 15.60 10.31
N ASP A 250 4.22 15.98 11.52
CA ASP A 250 4.92 15.07 12.43
C ASP A 250 4.08 14.61 13.59
N TYR A 251 2.75 14.75 13.45
CA TYR A 251 1.86 14.55 14.60
C TYR A 251 1.33 13.11 14.72
N TYR A 252 1.07 12.46 13.59
CA TYR A 252 0.28 11.23 13.62
C TYR A 252 0.71 10.36 12.48
N GLY A 253 1.19 9.14 12.76
CA GLY A 253 1.66 8.30 11.67
C GLY A 253 2.38 7.08 12.13
N ARG A 254 2.79 6.26 11.16
CA ARG A 254 3.44 4.98 11.47
C ARG A 254 4.93 5.19 11.80
N GLY A 255 5.24 5.18 13.09
CA GLY A 255 6.64 5.23 13.55
C GLY A 255 6.88 6.17 14.73
N GLU A 256 8.08 6.03 15.30
CA GLU A 256 8.46 6.78 16.50
C GLU A 256 8.66 8.26 16.26
N GLU A 257 8.83 8.65 15.01
CA GLU A 257 8.98 10.05 14.63
C GLU A 257 7.67 10.85 14.65
N PHE A 258 6.56 10.15 14.88
CA PHE A 258 5.27 10.84 15.02
C PHE A 258 4.87 10.93 16.50
N LYS A 259 4.24 12.04 16.88
CA LYS A 259 3.80 12.21 18.27
C LYS A 259 2.83 11.12 18.71
N VAL A 260 1.91 10.76 17.80
CA VAL A 260 1.01 9.62 17.99
C VAL A 260 1.46 8.57 16.99
N ASN A 261 2.00 7.47 17.53
CA ASN A 261 2.64 6.43 16.71
C ASN A 261 1.64 5.31 16.46
N THR A 262 1.10 5.25 15.25
CA THR A 262 0.03 4.31 14.95
C THR A 262 0.47 2.85 14.80
N LEU A 263 1.77 2.57 14.94
CA LEU A 263 2.21 1.17 15.07
C LEU A 263 1.81 0.53 16.41
N LYS A 264 1.36 1.35 17.37
CA LYS A 264 0.96 0.89 18.68
C LYS A 264 -0.45 1.42 18.99
N PRO A 265 -1.19 0.76 19.87
CA PRO A 265 -2.46 1.31 20.31
C PRO A 265 -2.34 2.64 21.04
N PHE A 266 -3.43 3.41 21.01
CA PHE A 266 -3.48 4.72 21.68
C PHE A 266 -4.90 5.08 22.08
N THR A 267 -5.01 6.13 22.88
CA THR A 267 -6.28 6.65 23.38
C THR A 267 -6.58 7.96 22.67
N VAL A 268 -7.87 8.15 22.41
CA VAL A 268 -8.41 9.26 21.61
C VAL A 268 -9.46 9.97 22.44
N VAL A 269 -9.19 11.22 22.81
CA VAL A 269 -10.09 12.01 23.69
C VAL A 269 -10.72 13.15 22.87
N THR A 270 -12.03 13.32 23.01
CA THR A 270 -12.76 14.38 22.28
C THR A 270 -13.66 15.11 23.27
N GLN A 271 -13.39 16.40 23.46
CA GLN A 271 -14.17 17.23 24.37
C GLN A 271 -15.08 18.19 23.57
N PHE A 272 -16.31 18.32 24.03
CA PHE A 272 -17.32 19.19 23.39
C PHE A 272 -17.57 20.34 24.35
N LEU A 273 -16.84 21.42 24.14
CA LEU A 273 -16.75 22.53 25.09
C LEU A 273 -17.85 23.56 24.84
N ALA A 274 -18.64 23.83 25.87
CA ALA A 274 -19.79 24.73 25.75
C ALA A 274 -19.48 26.10 26.33
N ASN A 275 -20.17 27.11 25.81
CA ASN A 275 -20.03 28.49 26.32
C ASN A 275 -20.91 28.65 27.55
N ARG A 276 -20.93 29.84 28.14
CA ARG A 276 -21.60 29.95 29.44
C ARG A 276 -23.11 29.72 29.37
N ARG A 277 -23.70 29.97 28.20
CA ARG A 277 -25.13 29.69 28.01
C ARG A 277 -25.49 28.32 27.48
N GLY A 278 -24.54 27.39 27.50
CA GLY A 278 -24.83 25.97 27.30
C GLY A 278 -24.75 25.49 25.86
N LYS A 279 -24.36 26.37 24.97
CA LYS A 279 -24.22 26.02 23.56
C LYS A 279 -22.79 25.61 23.21
N LEU A 280 -22.65 24.70 22.27
CA LEU A 280 -21.33 24.24 21.87
C LEU A 280 -20.53 25.36 21.17
N GLU A 281 -19.27 25.51 21.58
CA GLU A 281 -18.37 26.53 21.06
C GLU A 281 -17.11 25.93 20.41
N LYS A 282 -16.56 24.87 20.98
CA LYS A 282 -15.30 24.31 20.51
C LYS A 282 -15.31 22.79 20.64
N ILE A 283 -14.62 22.14 19.71
CA ILE A 283 -14.39 20.69 19.78
C ILE A 283 -12.89 20.48 19.86
N HIS A 284 -12.46 19.75 20.89
CA HIS A 284 -11.04 19.61 21.24
C HIS A 284 -10.64 18.13 21.21
N ARG A 285 -9.65 17.81 20.38
CA ARG A 285 -9.14 16.45 20.27
C ARG A 285 -7.70 16.37 20.73
N PHE A 286 -7.41 15.46 21.65
CA PHE A 286 -6.03 15.13 22.02
C PHE A 286 -5.95 13.63 22.27
N TYR A 287 -4.73 13.17 22.53
CA TYR A 287 -4.48 11.74 22.57
C TYR A 287 -3.71 11.38 23.82
N VAL A 288 -3.66 10.10 24.14
CA VAL A 288 -2.80 9.57 25.23
C VAL A 288 -2.16 8.32 24.68
N GLN A 289 -0.84 8.19 24.87
CA GLN A 289 -0.14 6.97 24.44
C GLN A 289 1.03 6.69 25.37
N ASP A 290 1.21 5.43 25.73
CA ASP A 290 2.30 5.02 26.64
C ASP A 290 2.18 5.81 27.95
N GLY A 291 0.95 6.08 28.35
CA GLY A 291 0.68 6.74 29.63
C GLY A 291 0.92 8.24 29.66
N LYS A 292 1.22 8.84 28.50
CA LYS A 292 1.51 10.27 28.41
C LYS A 292 0.44 10.97 27.60
N VAL A 293 -0.09 12.08 28.12
CA VAL A 293 -0.97 12.97 27.34
C VAL A 293 -0.19 13.62 26.21
N ILE A 294 -0.75 13.52 25.01
CA ILE A 294 -0.24 14.16 23.83
C ILE A 294 -1.23 15.27 23.47
N GLU A 295 -0.88 16.52 23.75
CA GLU A 295 -1.76 17.63 23.49
C GLU A 295 -2.03 17.79 22.02
N SER A 296 -3.17 18.39 21.68
CA SER A 296 -3.42 18.72 20.29
C SER A 296 -2.33 19.63 19.71
N PHE A 297 -2.03 19.40 18.44
CA PHE A 297 -1.33 20.39 17.62
C PHE A 297 -2.19 21.65 17.53
N TYR A 298 -1.51 22.75 17.22
CA TYR A 298 -2.12 23.98 16.77
C TYR A 298 -1.96 24.03 15.25
N THR A 299 -2.89 24.71 14.59
CA THR A 299 -2.75 24.94 13.16
C THR A 299 -1.44 25.68 12.87
N ASN A 300 -0.92 25.47 11.67
CA ASN A 300 0.41 25.95 11.33
C ASN A 300 0.48 26.40 9.88
N LYS A 301 -0.58 27.06 9.41
CA LYS A 301 -0.79 27.31 7.98
C LYS A 301 -1.21 28.75 7.70
N GLU A 302 -0.48 29.41 6.81
CA GLU A 302 -0.83 30.77 6.42
C GLU A 302 -2.29 30.81 5.96
N GLY A 303 -3.02 31.80 6.48
CA GLY A 303 -4.40 32.01 6.12
C GLY A 303 -5.39 31.26 6.98
N VAL A 304 -4.86 30.42 7.87
CA VAL A 304 -5.69 29.64 8.78
C VAL A 304 -5.52 30.22 10.18
N PRO A 305 -6.62 30.52 10.85
CA PRO A 305 -6.56 31.03 12.22
C PRO A 305 -5.75 30.10 13.12
N TYR A 306 -4.95 30.67 14.01
CA TYR A 306 -4.13 29.88 14.92
C TYR A 306 -5.03 29.34 16.01
N THR A 307 -5.17 28.02 16.07
CA THR A 307 -6.08 27.38 17.02
C THR A 307 -5.66 25.94 17.24
N ASN A 308 -6.00 25.39 18.41
CA ASN A 308 -5.89 23.96 18.69
C ASN A 308 -7.24 23.26 18.83
N MET A 309 -8.30 23.92 18.40
CA MET A 309 -9.64 23.39 18.50
C MET A 309 -10.48 23.81 17.30
N ILE A 310 -11.45 22.96 16.98
CA ILE A 310 -12.45 23.27 15.97
C ILE A 310 -13.44 24.30 16.53
N ASP A 311 -13.68 25.38 15.79
CA ASP A 311 -14.67 26.36 16.15
C ASP A 311 -15.15 27.09 14.90
N ASP A 312 -16.10 28.01 15.06
CA ASP A 312 -16.66 28.67 13.89
C ASP A 312 -15.60 29.48 13.13
N GLU A 313 -14.70 30.17 13.83
CA GLU A 313 -13.67 30.98 13.16
C GLU A 313 -12.87 30.08 12.23
N PHE A 314 -12.42 28.94 12.76
CA PHE A 314 -11.66 27.98 11.96
C PHE A 314 -12.49 27.44 10.80
N CYS A 315 -13.73 27.03 11.04
CA CYS A 315 -14.51 26.43 9.99
C CYS A 315 -14.82 27.41 8.87
N GLU A 316 -15.14 28.64 9.23
CA GLU A 316 -15.36 29.70 8.25
C GLU A 316 -14.12 29.92 7.40
N ALA A 317 -12.99 30.06 8.06
CA ALA A 317 -11.74 30.46 7.39
C ALA A 317 -11.26 29.38 6.45
N THR A 318 -11.60 28.13 6.73
CA THR A 318 -11.15 27.00 5.91
C THR A 318 -12.17 26.62 4.84
N GLY A 319 -13.19 27.46 4.66
CA GLY A 319 -14.11 27.28 3.55
C GLY A 319 -15.24 26.29 3.75
N SER A 320 -15.57 26.01 5.01
CA SER A 320 -16.61 25.04 5.34
C SER A 320 -17.95 25.73 5.29
N ARG A 321 -18.35 26.11 4.08
CA ARG A 321 -19.49 27.02 3.92
C ARG A 321 -20.82 26.39 4.30
N LYS A 322 -21.10 25.18 3.84
CA LYS A 322 -22.39 24.58 4.19
C LYS A 322 -22.47 24.27 5.68
N TYR A 323 -21.35 23.90 6.29
CA TYR A 323 -21.33 23.72 7.73
C TYR A 323 -21.89 24.95 8.44
N MET A 324 -21.39 26.10 8.02
CA MET A 324 -21.78 27.38 8.63
C MET A 324 -23.22 27.77 8.27
N GLU A 325 -23.58 27.58 7.00
CA GLU A 325 -24.94 27.90 6.54
C GLU A 325 -26.04 27.05 7.16
N LEU A 326 -25.70 25.80 7.48
CA LEU A 326 -26.71 24.87 7.97
C LEU A 326 -26.74 24.71 9.49
N GLY A 327 -26.03 25.56 10.21
CA GLY A 327 -26.19 25.64 11.67
C GLY A 327 -24.97 26.02 12.48
N ALA A 328 -23.77 25.88 11.90
CA ALA A 328 -22.51 26.20 12.58
C ALA A 328 -22.32 25.35 13.85
N THR A 329 -21.36 25.71 14.67
CA THR A 329 -21.03 24.89 15.84
C THR A 329 -22.21 24.84 16.84
N GLN A 330 -22.93 25.95 16.99
CA GLN A 330 -24.13 25.92 17.85
C GLN A 330 -25.13 24.88 17.35
N GLY A 331 -25.39 24.87 16.05
CA GLY A 331 -26.32 23.90 15.48
C GLY A 331 -25.89 22.47 15.68
N MET A 332 -24.61 22.18 15.43
CA MET A 332 -24.07 20.84 15.70
C MET A 332 -24.32 20.49 17.18
N GLY A 333 -24.01 21.43 18.08
CA GLY A 333 -24.23 21.21 19.51
C GLY A 333 -25.67 20.98 19.93
N GLU A 334 -26.59 21.63 19.22
CA GLU A 334 -28.00 21.46 19.51
C GLU A 334 -28.43 20.02 19.18
N ALA A 335 -27.89 19.46 18.10
CA ALA A 335 -28.14 18.05 17.80
C ALA A 335 -27.53 17.14 18.87
N LEU A 336 -26.30 17.43 19.24
CA LEU A 336 -25.62 16.65 20.28
C LEU A 336 -26.41 16.67 21.58
N THR A 337 -26.94 17.82 21.94
CA THR A 337 -27.75 17.96 23.16
C THR A 337 -29.05 17.19 23.09
N ARG A 338 -29.73 17.23 21.94
CA ARG A 338 -30.97 16.47 21.78
C ARG A 338 -30.74 14.97 21.97
N GLY A 339 -29.58 14.51 21.49
CA GLY A 339 -29.17 13.12 21.65
C GLY A 339 -28.86 12.48 20.31
N MET A 340 -27.83 11.64 20.27
CA MET A 340 -27.40 11.03 19.04
C MET A 340 -27.04 9.58 19.28
N VAL A 341 -27.09 8.81 18.21
CA VAL A 341 -26.73 7.38 18.20
C VAL A 341 -25.27 7.19 17.76
N LEU A 342 -24.58 6.29 18.45
CA LEU A 342 -23.19 5.95 18.15
C LEU A 342 -23.10 4.86 17.10
N ALA A 343 -22.39 5.17 16.00
CA ALA A 343 -22.16 4.27 14.89
C ALA A 343 -20.65 4.03 14.78
N MET A 344 -20.27 2.78 14.49
CA MET A 344 -18.89 2.38 14.27
C MET A 344 -18.83 1.54 13.02
N SER A 345 -17.84 1.79 12.17
CA SER A 345 -17.79 1.10 10.89
C SER A 345 -16.37 1.02 10.35
N ILE A 346 -16.19 0.20 9.32
CA ILE A 346 -14.95 0.13 8.58
C ILE A 346 -15.32 0.03 7.12
N TRP A 347 -14.67 0.82 6.27
CA TRP A 347 -15.05 0.87 4.86
C TRP A 347 -13.96 1.38 3.96
N TRP A 348 -14.09 1.10 2.66
CA TRP A 348 -13.20 1.64 1.65
C TRP A 348 -14.00 2.27 0.50
N ASP A 349 -13.29 2.84 -0.46
CA ASP A 349 -13.88 3.74 -1.45
C ASP A 349 -13.36 3.42 -2.86
N GLN A 350 -14.12 2.60 -3.58
CA GLN A 350 -13.75 2.24 -4.94
C GLN A 350 -13.72 3.45 -5.89
N GLY A 351 -14.62 4.39 -5.71
CA GLY A 351 -14.71 5.52 -6.61
C GLY A 351 -13.63 6.57 -6.47
N GLY A 352 -13.18 6.76 -5.26
CA GLY A 352 -12.35 7.92 -4.91
C GLY A 352 -11.14 7.63 -4.06
N ASN A 353 -10.91 6.36 -3.72
CA ASN A 353 -9.73 5.95 -2.96
C ASN A 353 -9.58 6.63 -1.58
N MET A 354 -10.65 7.18 -1.04
CA MET A 354 -10.60 7.91 0.25
C MET A 354 -9.55 9.03 0.24
N GLU A 355 -9.30 9.66 -0.90
CA GLU A 355 -8.22 10.65 -1.00
C GLU A 355 -8.37 11.80 -0.01
N TRP A 356 -9.61 12.20 0.29
CA TRP A 356 -9.87 13.29 1.20
C TRP A 356 -9.41 13.01 2.62
N LEU A 357 -9.20 11.73 2.95
CA LEU A 357 -8.75 11.33 4.29
C LEU A 357 -7.24 11.38 4.48
N ASP A 358 -6.47 10.95 3.49
CA ASP A 358 -5.06 10.68 3.71
C ASP A 358 -4.12 10.99 2.53
N HIS A 359 -4.60 11.71 1.51
CA HIS A 359 -3.80 12.02 0.31
C HIS A 359 -3.75 13.53 0.08
N GLY A 360 -2.64 14.03 -0.45
CA GLY A 360 -2.59 15.42 -0.85
C GLY A 360 -2.44 16.33 0.35
N GLU A 361 -3.42 17.21 0.51
CA GLU A 361 -3.52 18.02 1.71
C GLU A 361 -3.78 17.24 3.01
N ALA A 362 -4.27 16.02 2.87
CA ALA A 362 -4.78 15.24 4.00
C ALA A 362 -3.83 14.17 4.54
N GLY A 363 -2.73 13.90 3.85
CA GLY A 363 -1.81 12.89 4.34
C GLY A 363 -0.73 12.47 3.38
N PRO A 364 -0.01 11.42 3.73
CA PRO A 364 1.18 10.98 2.97
C PRO A 364 0.93 9.99 1.84
N CYS A 365 -0.30 9.54 1.69
CA CYS A 365 -0.63 8.48 0.74
C CYS A 365 -0.50 8.95 -0.70
N ALA A 366 0.06 8.11 -1.57
CA ALA A 366 0.21 8.49 -2.97
C ALA A 366 -1.07 8.30 -3.77
N LYS A 367 -1.12 8.98 -4.92
CA LYS A 367 -2.14 8.71 -5.92
C LYS A 367 -2.23 7.21 -6.21
N GLY A 368 -3.45 6.67 -6.15
CA GLY A 368 -3.69 5.27 -6.40
C GLY A 368 -3.45 4.34 -5.24
N GLU A 369 -2.75 4.83 -4.21
CA GLU A 369 -2.36 3.97 -3.10
C GLU A 369 -3.55 3.43 -2.31
N GLY A 370 -4.59 4.25 -2.19
CA GLY A 370 -5.80 3.92 -1.44
C GLY A 370 -6.89 3.20 -2.21
N ALA A 371 -6.60 2.82 -3.46
CA ALA A 371 -7.53 2.00 -4.20
C ALA A 371 -7.68 0.64 -3.53
N PRO A 372 -8.92 0.13 -3.43
CA PRO A 372 -9.13 -1.19 -2.89
C PRO A 372 -8.27 -2.30 -3.50
N SER A 373 -8.05 -2.25 -4.81
CA SER A 373 -7.15 -3.20 -5.49
C SER A 373 -5.73 -3.17 -4.93
N ASN A 374 -5.26 -1.99 -4.51
CA ASN A 374 -3.95 -1.89 -3.87
C ASN A 374 -4.01 -2.19 -2.37
N ILE A 375 -5.07 -1.75 -1.70
CA ILE A 375 -5.18 -1.99 -0.27
C ILE A 375 -4.94 -3.45 0.06
N VAL A 376 -5.57 -4.36 -0.68
CA VAL A 376 -5.42 -5.79 -0.38
C VAL A 376 -4.04 -6.37 -0.66
N GLN A 377 -3.25 -5.68 -1.49
CA GLN A 377 -1.86 -6.05 -1.73
C GLN A 377 -0.98 -5.57 -0.58
N VAL A 378 -1.44 -4.58 0.18
CA VAL A 378 -0.69 -4.04 1.30
C VAL A 378 -1.08 -4.69 2.64
N GLU A 379 -2.39 -4.79 2.87
CA GLU A 379 -2.93 -5.45 4.05
C GLU A 379 -4.13 -6.28 3.59
N PRO A 380 -3.99 -7.59 3.44
CA PRO A 380 -5.07 -8.38 2.90
C PRO A 380 -6.33 -8.40 3.75
N PHE A 381 -6.20 -8.19 5.05
CA PHE A 381 -7.36 -8.25 5.97
C PHE A 381 -7.42 -7.05 6.91
N PRO A 382 -7.79 -5.88 6.38
CA PRO A 382 -7.88 -4.70 7.22
C PRO A 382 -8.91 -4.89 8.33
N GLU A 383 -8.63 -4.32 9.48
CA GLU A 383 -9.49 -4.41 10.65
C GLU A 383 -9.14 -3.27 11.62
N VAL A 384 -10.07 -3.01 12.53
CA VAL A 384 -9.89 -2.05 13.62
C VAL A 384 -10.47 -2.66 14.89
N THR A 385 -9.91 -2.28 16.03
CA THR A 385 -10.49 -2.61 17.33
C THR A 385 -10.62 -1.36 18.16
N TYR A 386 -11.83 -1.12 18.67
CA TYR A 386 -12.15 -0.01 19.56
C TYR A 386 -12.35 -0.63 20.94
N THR A 387 -11.75 -0.01 21.96
CA THR A 387 -11.77 -0.55 23.31
C THR A 387 -12.05 0.51 24.35
N ASN A 388 -12.80 0.13 25.39
CA ASN A 388 -13.03 1.00 26.57
C ASN A 388 -13.73 2.31 26.14
N LEU A 389 -14.79 2.17 25.36
CA LEU A 389 -15.63 3.34 25.03
C LEU A 389 -16.11 3.94 26.35
N ARG A 390 -15.93 5.25 26.53
CA ARG A 390 -16.22 5.86 27.81
C ARG A 390 -16.53 7.35 27.63
N TRP A 391 -17.52 7.85 28.36
CA TRP A 391 -17.89 9.25 28.22
C TRP A 391 -18.42 9.81 29.52
N GLY A 392 -18.33 11.12 29.64
CA GLY A 392 -18.74 11.81 30.84
C GLY A 392 -18.08 13.13 31.08
N GLU A 393 -17.81 13.41 32.36
CA GLU A 393 -17.35 14.73 32.74
C GLU A 393 -16.03 15.08 32.14
N ILE A 394 -15.90 16.33 31.71
CA ILE A 394 -14.63 16.85 31.21
C ILE A 394 -13.53 16.55 32.23
N GLY A 395 -12.45 15.99 31.74
CA GLY A 395 -11.30 15.62 32.54
C GLY A 395 -11.35 14.26 33.16
N SER A 396 -12.47 13.55 33.09
CA SER A 396 -12.65 12.34 33.87
C SER A 396 -12.39 11.04 33.14
N THR A 397 -12.27 11.08 31.82
CA THR A 397 -12.17 9.81 31.07
C THR A 397 -10.74 9.30 30.90
N TYR A 398 -9.72 10.08 31.21
CA TYR A 398 -8.36 9.67 30.88
C TYR A 398 -7.47 9.87 32.09
N GLN A 399 -6.25 9.73 32.03
N PCA B 1 0.69 -16.02 -16.94
CA PCA B 1 0.30 -17.39 -17.35
CB PCA B 1 1.51 -18.02 -18.06
CG PCA B 1 2.70 -17.12 -17.76
CD PCA B 1 2.10 -15.90 -17.12
OE PCA B 1 2.72 -14.88 -16.79
C PCA B 1 -0.14 -18.22 -16.14
O PCA B 1 0.24 -17.91 -14.98
N LYS B 2 -0.93 -19.27 -16.36
CA LYS B 2 -1.45 -20.11 -15.29
C LYS B 2 -0.38 -21.01 -14.68
N PRO B 3 -0.19 -21.02 -13.36
CA PRO B 3 0.69 -22.00 -12.75
C PRO B 3 0.31 -23.43 -13.09
N GLY B 4 1.31 -24.21 -13.47
CA GLY B 4 1.12 -25.62 -13.78
C GLY B 4 1.19 -26.55 -12.58
N GLU B 5 1.27 -27.84 -12.84
CA GLU B 5 1.28 -28.84 -11.79
C GLU B 5 2.57 -28.94 -11.01
N THR B 6 3.67 -28.69 -11.69
CA THR B 6 4.97 -28.97 -11.11
C THR B 6 5.25 -28.02 -9.97
N LYS B 7 5.75 -28.56 -8.89
CA LYS B 7 6.00 -27.73 -7.72
C LYS B 7 7.22 -26.81 -7.94
N GLU B 8 7.08 -25.60 -7.43
CA GLU B 8 8.15 -24.62 -7.36
C GLU B 8 8.88 -24.81 -6.05
N VAL B 9 10.18 -25.04 -6.11
CA VAL B 9 10.97 -25.24 -4.93
C VAL B 9 12.06 -24.14 -4.89
N HIS B 10 11.81 -23.09 -4.13
CA HIS B 10 12.74 -21.94 -4.11
C HIS B 10 13.96 -22.22 -3.25
N PRO B 11 15.16 -21.97 -3.76
CA PRO B 11 16.32 -21.95 -2.90
C PRO B 11 16.16 -20.93 -1.78
N GLN B 12 16.65 -21.27 -0.58
CA GLN B 12 16.72 -20.36 0.55
C GLN B 12 18.05 -19.62 0.53
N LEU B 13 18.01 -18.35 0.88
CA LEU B 13 19.23 -17.56 1.02
C LEU B 13 19.13 -16.73 2.28
N THR B 14 20.10 -16.90 3.17
CA THR B 14 20.20 -16.04 4.34
C THR B 14 20.94 -14.76 4.00
N THR B 15 20.31 -13.62 4.31
CA THR B 15 20.88 -12.30 4.13
C THR B 15 20.91 -11.57 5.48
N PHE B 16 21.35 -10.32 5.50
CA PHE B 16 21.48 -9.61 6.80
C PHE B 16 20.92 -8.20 6.77
N ARG B 17 20.47 -7.73 7.94
CA ARG B 17 20.07 -6.35 8.16
C ARG B 17 21.00 -5.81 9.20
N CYS B 18 21.58 -4.64 8.93
CA CYS B 18 22.67 -4.13 9.73
C CYS B 18 22.37 -2.74 10.33
N THR B 19 22.77 -2.56 11.59
CA THR B 19 22.81 -1.26 12.24
C THR B 19 24.15 -1.08 12.92
N LYS B 20 24.47 0.18 13.26
CA LYS B 20 25.70 0.47 13.99
C LYS B 20 25.69 -0.15 15.38
N ARG B 21 24.55 -0.05 16.08
CA ARG B 21 24.43 -0.53 17.46
C ARG B 21 24.33 -2.05 17.55
N GLY B 22 23.69 -2.69 16.56
CA GLY B 22 23.39 -4.10 16.66
C GLY B 22 24.19 -5.00 15.75
N GLY B 23 24.98 -4.41 14.85
CA GLY B 23 25.69 -5.18 13.84
C GLY B 23 24.75 -5.77 12.80
N CYS B 24 25.20 -6.83 12.15
CA CYS B 24 24.44 -7.49 11.08
C CYS B 24 23.73 -8.72 11.64
N LYS B 25 22.41 -8.77 11.47
CA LYS B 25 21.59 -9.86 11.96
C LYS B 25 20.97 -10.60 10.80
N PRO B 26 20.97 -11.93 10.84
CA PRO B 26 20.49 -12.73 9.72
C PRO B 26 18.98 -12.68 9.51
N ALA B 27 18.59 -12.83 8.24
CA ALA B 27 17.20 -12.85 7.83
C ALA B 27 17.02 -13.95 6.79
N THR B 28 15.91 -14.64 6.82
CA THR B 28 15.58 -15.66 5.86
C THR B 28 14.93 -15.05 4.62
N ASN B 29 15.52 -15.33 3.47
CA ASN B 29 14.95 -14.91 2.20
C ASN B 29 14.90 -16.12 1.26
N PHE B 30 14.22 -15.96 0.13
CA PHE B 30 14.16 -16.98 -0.91
C PHE B 30 14.52 -16.39 -2.27
N ILE B 31 14.79 -17.27 -3.21
CA ILE B 31 15.26 -16.93 -4.56
C ILE B 31 14.27 -17.48 -5.56
N VAL B 32 13.88 -16.64 -6.52
CA VAL B 32 12.94 -17.04 -7.58
C VAL B 32 13.45 -16.65 -8.95
N LEU B 33 13.34 -17.58 -9.89
CA LEU B 33 13.72 -17.33 -11.28
C LEU B 33 12.65 -16.47 -11.98
N ASP B 34 13.07 -15.68 -12.97
CA ASP B 34 12.09 -14.93 -13.76
C ASP B 34 10.98 -15.84 -14.25
N SER B 35 9.75 -15.31 -14.20
CA SER B 35 8.56 -16.05 -14.63
C SER B 35 8.76 -16.68 -16.01
N LEU B 36 9.28 -15.89 -16.95
CA LEU B 36 9.36 -16.36 -18.34
C LEU B 36 10.56 -17.25 -18.60
N SER B 37 11.35 -17.49 -17.56
CA SER B 37 12.41 -18.49 -17.58
C SER B 37 11.91 -19.84 -17.07
N HIS B 38 10.70 -19.89 -16.48
CA HIS B 38 10.05 -21.14 -16.17
C HIS B 38 9.56 -21.77 -17.48
N PRO B 39 9.36 -23.09 -17.52
CA PRO B 39 8.77 -23.68 -18.73
C PRO B 39 7.39 -23.11 -19.02
N ILE B 40 7.20 -22.55 -20.22
CA ILE B 40 5.93 -22.02 -20.69
C ILE B 40 5.43 -22.90 -21.83
N HIS B 41 4.22 -23.42 -21.67
CA HIS B 41 3.63 -24.25 -22.73
C HIS B 41 2.12 -24.05 -22.75
N ARG B 42 1.48 -24.62 -23.75
CA ARG B 42 0.04 -24.47 -23.91
C ARG B 42 -0.79 -25.47 -23.10
N ALA B 43 -2.02 -25.07 -22.82
CA ALA B 43 -2.99 -25.96 -22.20
C ALA B 43 -3.24 -27.20 -23.04
N GLU B 44 -3.89 -28.17 -22.43
CA GLU B 44 -4.06 -29.51 -22.97
C GLU B 44 -4.86 -29.40 -24.26
N GLY B 45 -4.46 -30.17 -25.26
CA GLY B 45 -5.14 -30.18 -26.56
C GLY B 45 -4.92 -29.00 -27.49
N LEU B 46 -4.18 -27.97 -27.06
CA LEU B 46 -3.89 -26.81 -27.89
C LEU B 46 -2.56 -26.95 -28.63
N GLY B 47 -1.86 -28.05 -28.43
CA GLY B 47 -0.70 -28.35 -29.25
C GLY B 47 0.56 -27.74 -28.74
N PRO B 48 1.62 -27.87 -29.52
CA PRO B 48 2.92 -27.43 -29.10
C PRO B 48 3.11 -25.93 -29.37
N GLY B 49 4.26 -25.44 -28.98
CA GLY B 49 4.63 -24.03 -29.11
C GLY B 49 4.50 -23.40 -27.74
N GLY B 50 5.24 -22.32 -27.52
CA GLY B 50 5.12 -21.57 -26.31
C GLY B 50 4.00 -20.57 -26.44
N CYS B 51 4.09 -19.54 -25.63
CA CYS B 51 3.19 -18.42 -25.70
C CYS B 51 3.97 -17.12 -25.93
N GLY B 52 4.99 -17.23 -26.78
CA GLY B 52 5.72 -16.07 -27.27
C GLY B 52 7.17 -16.05 -26.82
N ASP B 53 8.00 -15.49 -27.69
CA ASP B 53 9.43 -15.31 -27.43
C ASP B 53 9.72 -13.89 -26.98
N TRP B 54 10.85 -13.72 -26.31
CA TRP B 54 11.31 -12.41 -25.86
C TRP B 54 11.31 -11.44 -27.04
N GLY B 55 10.81 -10.23 -26.83
CA GLY B 55 10.72 -9.19 -27.86
C GLY B 55 9.38 -9.07 -28.56
N ASN B 56 8.47 -9.99 -28.25
CA ASN B 56 7.19 -10.13 -28.97
C ASN B 56 5.99 -10.13 -28.02
N PRO B 57 4.82 -9.75 -28.53
CA PRO B 57 3.57 -10.06 -27.87
C PRO B 57 3.37 -11.58 -27.95
N PRO B 58 2.44 -12.10 -27.17
CA PRO B 58 2.13 -13.52 -27.24
C PRO B 58 1.33 -13.79 -28.53
N PRO B 59 1.36 -15.04 -29.01
CA PRO B 59 0.67 -15.37 -30.27
C PRO B 59 -0.85 -15.25 -30.16
N LYS B 60 -1.46 -14.74 -31.23
CA LYS B 60 -2.92 -14.56 -31.28
C LYS B 60 -3.68 -15.89 -31.29
N ASP B 61 -3.07 -16.98 -31.74
CA ASP B 61 -3.82 -18.26 -31.75
C ASP B 61 -4.33 -18.64 -30.35
N VAL B 62 -3.47 -18.53 -29.32
CA VAL B 62 -3.87 -18.87 -27.94
C VAL B 62 -4.11 -17.65 -27.04
N CYS B 63 -3.65 -16.49 -27.47
CA CYS B 63 -3.77 -15.26 -26.69
C CYS B 63 -4.39 -14.11 -27.49
N PRO B 64 -5.65 -14.29 -27.90
CA PRO B 64 -6.39 -13.20 -28.53
C PRO B 64 -6.72 -12.06 -27.55
N ASP B 65 -6.77 -12.38 -26.26
CA ASP B 65 -7.05 -11.45 -25.19
C ASP B 65 -6.44 -11.98 -23.86
N VAL B 66 -6.45 -11.16 -22.81
CA VAL B 66 -5.81 -11.51 -21.54
C VAL B 66 -6.45 -12.72 -20.91
N GLU B 67 -7.78 -12.77 -20.95
CA GLU B 67 -8.55 -13.81 -20.32
C GLU B 67 -8.25 -15.17 -20.95
N SER B 68 -8.26 -15.25 -22.28
CA SER B 68 -7.92 -16.47 -22.99
C SER B 68 -6.46 -16.91 -22.75
N CYS B 69 -5.56 -15.96 -22.85
CA CYS B 69 -4.14 -16.21 -22.59
C CYS B 69 -3.94 -16.81 -21.19
N ALA B 70 -4.70 -16.33 -20.20
CA ALA B 70 -4.55 -16.77 -18.80
C ALA B 70 -4.94 -18.22 -18.55
N LYS B 71 -5.78 -18.76 -19.44
CA LYS B 71 -6.24 -20.15 -19.34
C LYS B 71 -5.50 -21.06 -20.32
N ASN B 72 -4.95 -20.48 -21.37
CA ASN B 72 -4.34 -21.27 -22.45
C ASN B 72 -2.83 -21.46 -22.35
N CYS B 73 -2.21 -20.64 -21.48
CA CYS B 73 -0.75 -20.62 -21.34
C CYS B 73 -0.40 -21.01 -19.90
N ILE B 74 0.48 -21.97 -19.79
CA ILE B 74 0.83 -22.62 -18.54
C ILE B 74 2.30 -22.39 -18.21
N MET B 75 2.55 -22.04 -16.94
CA MET B 75 3.88 -21.77 -16.44
C MET B 75 4.21 -22.83 -15.38
N GLU B 76 5.14 -23.75 -15.68
CA GLU B 76 5.47 -24.84 -14.76
C GLU B 76 6.38 -24.38 -13.64
N GLY B 77 6.14 -24.87 -12.43
CA GLY B 77 7.09 -24.71 -11.36
C GLY B 77 8.40 -25.44 -11.65
N ILE B 78 9.46 -24.95 -11.04
CA ILE B 78 10.78 -25.53 -11.18
C ILE B 78 11.10 -26.21 -9.86
N PRO B 79 11.16 -27.54 -9.82
CA PRO B 79 11.42 -28.26 -8.58
C PRO B 79 12.89 -28.43 -8.24
N ASP B 80 13.78 -28.14 -9.20
CA ASP B 80 15.21 -28.26 -8.97
C ASP B 80 15.93 -27.11 -9.67
N TYR B 81 16.17 -26.06 -8.91
CA TYR B 81 16.77 -24.82 -9.45
C TYR B 81 18.17 -25.04 -10.03
N SER B 82 18.85 -26.09 -9.60
CA SER B 82 20.22 -26.37 -10.07
C SER B 82 20.23 -26.61 -11.57
N GLN B 83 19.09 -27.03 -12.10
CA GLN B 83 18.95 -27.29 -13.55
C GLN B 83 18.88 -26.01 -14.38
N TYR B 84 18.84 -24.85 -13.70
CA TYR B 84 18.88 -23.54 -14.33
C TYR B 84 20.11 -22.77 -13.82
N GLY B 85 21.08 -23.49 -13.25
CA GLY B 85 22.30 -22.84 -12.78
C GLY B 85 22.19 -22.00 -11.53
N VAL B 86 21.17 -22.26 -10.73
CA VAL B 86 20.94 -21.50 -9.49
C VAL B 86 20.99 -22.42 -8.30
N THR B 87 21.97 -22.17 -7.43
CA THR B 87 22.04 -22.89 -6.17
C THR B 87 22.39 -21.91 -5.05
N THR B 88 22.02 -22.30 -3.81
CA THR B 88 22.44 -21.55 -2.65
C THR B 88 23.06 -22.47 -1.62
N ASN B 89 23.89 -21.88 -0.77
CA ASN B 89 24.52 -22.59 0.35
C ASN B 89 24.63 -21.59 1.50
N GLY B 90 23.64 -21.60 2.38
CA GLY B 90 23.65 -20.66 3.49
C GLY B 90 23.46 -19.22 3.03
N THR B 91 24.54 -18.46 3.11
CA THR B 91 24.51 -17.06 2.72
C THR B 91 25.05 -16.85 1.30
N SER B 92 25.36 -17.92 0.58
CA SER B 92 25.92 -17.78 -0.79
C SER B 92 24.91 -18.17 -1.85
N LEU B 93 24.93 -17.41 -2.94
CA LEU B 93 24.12 -17.65 -4.13
C LEU B 93 25.08 -17.82 -5.30
N ARG B 94 25.02 -18.98 -5.95
CA ARG B 94 25.88 -19.29 -7.10
C ARG B 94 25.01 -19.25 -8.36
N LEU B 95 25.44 -18.45 -9.34
CA LEU B 95 24.80 -18.39 -10.64
C LEU B 95 25.76 -18.89 -11.73
N GLN B 96 25.36 -19.99 -12.34
CA GLN B 96 26.12 -20.60 -13.45
C GLN B 96 25.50 -20.23 -14.78
N HIS B 97 26.30 -19.67 -15.68
CA HIS B 97 25.80 -19.23 -16.99
C HIS B 97 25.58 -20.43 -17.92
N ILE B 98 26.51 -21.39 -17.86
CA ILE B 98 26.52 -22.59 -18.72
C ILE B 98 26.61 -23.81 -17.82
N LEU B 99 25.88 -24.85 -18.19
CA LEU B 99 25.86 -26.09 -17.42
C LEU B 99 26.62 -27.20 -18.16
N PRO B 100 27.15 -28.16 -17.40
CA PRO B 100 27.79 -29.33 -18.00
C PRO B 100 26.96 -30.02 -19.05
N ASP B 101 25.63 -29.96 -18.94
CA ASP B 101 24.68 -30.54 -19.90
C ASP B 101 24.52 -29.85 -21.28
N GLY B 102 25.15 -28.69 -21.46
CA GLY B 102 25.10 -27.98 -22.72
C GLY B 102 24.22 -26.76 -22.72
N ARG B 103 23.34 -26.66 -21.74
CA ARG B 103 22.41 -25.54 -21.74
C ARG B 103 23.11 -24.30 -21.21
N VAL B 104 22.59 -23.17 -21.65
CA VAL B 104 23.08 -21.85 -21.25
C VAL B 104 21.88 -21.17 -20.59
N PRO B 105 21.60 -21.55 -19.34
CA PRO B 105 20.45 -21.00 -18.66
C PRO B 105 20.51 -19.47 -18.42
N SER B 106 21.71 -18.89 -18.29
CA SER B 106 21.82 -17.45 -18.10
C SER B 106 20.78 -16.97 -17.08
N PRO B 107 20.80 -17.52 -15.87
CA PRO B 107 19.72 -17.22 -14.92
C PRO B 107 19.62 -15.76 -14.44
N ARG B 108 18.37 -15.29 -14.30
CA ARG B 108 18.05 -14.06 -13.59
C ARG B 108 17.02 -14.38 -12.51
N VAL B 109 17.35 -13.96 -11.29
CA VAL B 109 16.55 -14.28 -10.11
C VAL B 109 16.23 -13.01 -9.32
N TYR B 110 15.17 -13.10 -8.50
CA TYR B 110 14.77 -12.03 -7.58
C TYR B 110 14.76 -12.54 -6.15
N LEU B 111 14.93 -11.61 -5.21
CA LEU B 111 14.90 -11.95 -3.78
C LEU B 111 13.47 -11.83 -3.22
N LEU B 112 12.93 -12.96 -2.78
CA LEU B 112 11.64 -13.02 -2.11
C LEU B 112 11.79 -12.84 -0.61
N ASP B 113 10.73 -12.32 0.00
CA ASP B 113 10.67 -12.24 1.46
C ASP B 113 10.40 -13.62 2.04
N LYS B 114 10.42 -13.72 3.36
CA LYS B 114 10.29 -14.99 4.03
C LYS B 114 8.98 -15.75 3.75
N THR B 115 7.95 -15.09 3.24
CA THR B 115 6.70 -15.76 2.93
C THR B 115 6.66 -16.42 1.57
N LYS B 116 7.66 -16.09 0.73
CA LYS B 116 7.74 -16.52 -0.69
C LYS B 116 6.72 -15.88 -1.61
N ARG B 117 5.87 -15.01 -1.08
CA ARG B 117 4.75 -14.48 -1.89
C ARG B 117 4.82 -12.97 -2.15
N ARG B 118 5.90 -12.35 -1.69
CA ARG B 118 6.15 -10.94 -1.91
C ARG B 118 7.65 -10.77 -2.08
N TYR B 119 8.06 -9.88 -2.98
CA TYR B 119 9.46 -9.54 -3.07
C TYR B 119 9.91 -8.83 -1.80
N GLU B 120 11.16 -9.05 -1.43
CA GLU B 120 11.81 -8.25 -0.39
C GLU B 120 12.00 -6.84 -0.93
N MET B 121 11.30 -5.87 -0.36
CA MET B 121 11.36 -4.52 -0.85
C MET B 121 12.48 -3.78 -0.09
N LEU B 122 13.51 -3.37 -0.82
CA LEU B 122 14.62 -2.63 -0.26
C LEU B 122 14.35 -1.13 -0.43
N HIS B 123 14.63 -0.36 0.63
CA HIS B 123 14.46 1.10 0.63
C HIS B 123 15.81 1.69 1.00
N LEU B 124 16.64 2.00 -0.01
CA LEU B 124 18.07 2.21 0.21
C LEU B 124 18.53 3.66 0.31
N THR B 125 17.71 4.64 -0.05
CA THR B 125 18.12 6.06 0.10
C THR B 125 18.45 6.36 1.55
N GLY B 126 19.68 6.84 1.81
CA GLY B 126 20.14 7.11 3.18
C GLY B 126 20.73 5.88 3.88
N PHE B 127 20.88 4.78 3.13
CA PHE B 127 21.44 3.52 3.65
C PHE B 127 22.52 2.96 2.74
N GLU B 128 23.05 1.79 3.08
CA GLU B 128 24.09 1.16 2.24
C GLU B 128 23.77 -0.32 2.03
N PHE B 129 24.23 -0.82 0.89
CA PHE B 129 24.05 -2.20 0.49
C PHE B 129 25.44 -2.75 0.19
N THR B 130 25.73 -3.93 0.73
CA THR B 130 27.03 -4.58 0.64
C THR B 130 26.90 -6.06 0.32
N PHE B 131 27.88 -6.59 -0.41
CA PHE B 131 27.97 -8.02 -0.68
C PHE B 131 29.41 -8.42 -0.93
N ASP B 132 29.68 -9.71 -0.78
CA ASP B 132 30.98 -10.28 -1.13
C ASP B 132 30.79 -11.01 -2.44
N VAL B 133 31.86 -11.06 -3.25
CA VAL B 133 31.77 -11.67 -4.56
C VAL B 133 33.03 -12.40 -4.94
N ASP B 134 32.86 -13.45 -5.73
CA ASP B 134 33.96 -14.12 -6.44
C ASP B 134 33.70 -13.93 -7.93
N ALA B 135 34.52 -13.10 -8.57
CA ALA B 135 34.36 -12.76 -10.00
C ALA B 135 35.42 -13.44 -10.87
N THR B 136 36.17 -14.39 -10.28
CA THR B 136 37.31 -14.97 -11.02
C THR B 136 36.95 -15.65 -12.33
N LYS B 137 35.76 -16.25 -12.38
CA LYS B 137 35.32 -17.00 -13.57
C LYS B 137 34.42 -16.17 -14.50
N LEU B 138 34.68 -14.87 -14.53
CA LEU B 138 33.97 -13.93 -15.39
C LEU B 138 34.98 -13.21 -16.31
N PRO B 139 35.23 -13.76 -17.49
CA PRO B 139 36.12 -13.09 -18.43
C PRO B 139 35.42 -11.94 -19.18
N CYS B 140 36.20 -11.23 -20.00
CA CYS B 140 35.67 -10.27 -20.95
C CYS B 140 34.35 -10.72 -21.56
N GLY B 141 33.40 -9.80 -21.66
CA GLY B 141 32.13 -10.07 -22.30
C GLY B 141 31.04 -10.62 -21.41
N MET B 142 31.40 -11.11 -20.24
CA MET B 142 30.41 -11.54 -19.29
C MET B 142 29.91 -10.39 -18.46
N ASN B 143 28.62 -10.42 -18.12
CA ASN B 143 28.04 -9.44 -17.19
C ASN B 143 27.41 -10.21 -16.03
N SER B 144 28.03 -10.11 -14.85
CA SER B 144 27.35 -10.51 -13.62
C SER B 144 26.71 -9.26 -13.08
N ALA B 145 25.42 -9.35 -12.80
CA ALA B 145 24.64 -8.20 -12.40
C ALA B 145 23.95 -8.42 -11.05
N LEU B 146 23.85 -7.33 -10.31
CA LEU B 146 23.15 -7.27 -9.02
C LEU B 146 22.57 -5.85 -9.00
N TYR B 147 21.25 -5.75 -9.08
CA TYR B 147 20.60 -4.50 -9.34
C TYR B 147 19.19 -4.46 -8.79
N LEU B 148 18.60 -3.27 -8.79
CA LEU B 148 17.24 -3.07 -8.32
C LEU B 148 16.34 -2.60 -9.46
N SER B 149 15.13 -3.13 -9.52
CA SER B 149 14.10 -2.63 -10.43
C SER B 149 12.84 -2.31 -9.62
N GLU B 150 12.10 -1.29 -10.06
CA GLU B 150 10.87 -0.94 -9.37
C GLU B 150 9.67 -1.79 -9.77
N MET B 151 9.76 -3.07 -9.40
CA MET B 151 8.75 -4.08 -9.68
C MET B 151 7.70 -4.01 -8.55
N HIS B 152 6.51 -4.52 -8.86
CA HIS B 152 5.41 -4.54 -7.91
C HIS B 152 5.67 -5.57 -6.81
N PRO B 153 5.36 -5.27 -5.54
CA PRO B 153 5.82 -6.14 -4.47
C PRO B 153 5.28 -7.56 -4.50
N THR B 154 4.08 -7.78 -5.03
CA THR B 154 3.54 -9.15 -5.14
C THR B 154 3.69 -9.66 -6.57
N GLY B 155 4.48 -8.97 -7.41
CA GLY B 155 4.56 -9.32 -8.83
C GLY B 155 3.25 -9.07 -9.55
N ALA B 156 2.45 -8.16 -8.99
CA ALA B 156 1.14 -7.77 -9.50
C ALA B 156 0.21 -8.97 -9.50
N LYS B 157 0.15 -9.68 -8.39
CA LYS B 157 -0.76 -10.81 -8.26
C LYS B 157 -2.17 -10.30 -8.53
N SER B 158 -2.92 -11.04 -9.33
CA SER B 158 -4.24 -10.59 -9.78
C SER B 158 -5.09 -11.76 -10.25
N LYS B 159 -6.36 -11.47 -10.54
CA LYS B 159 -7.30 -12.44 -11.09
C LYS B 159 -6.65 -13.46 -12.05
N TYR B 160 -6.01 -12.92 -13.08
CA TYR B 160 -5.46 -13.76 -14.16
C TYR B 160 -3.99 -14.07 -13.98
N ASN B 161 -3.39 -13.49 -12.93
CA ASN B 161 -2.02 -13.78 -12.51
C ASN B 161 -2.00 -14.28 -11.06
N PRO B 162 -2.54 -15.47 -10.78
CA PRO B 162 -2.52 -16.00 -9.45
C PRO B 162 -1.12 -16.36 -8.94
N GLY B 163 -0.17 -16.56 -9.87
CA GLY B 163 1.17 -16.97 -9.51
C GLY B 163 1.92 -15.89 -8.74
N GLY B 164 1.93 -14.68 -9.29
CA GLY B 164 2.56 -13.54 -8.65
C GLY B 164 4.05 -13.71 -8.43
N ALA B 165 4.57 -13.07 -7.38
CA ALA B 165 5.99 -13.12 -7.05
C ALA B 165 6.51 -14.53 -6.76
N TYR B 166 5.67 -15.44 -6.28
CA TYR B 166 6.06 -16.82 -6.01
C TYR B 166 6.61 -17.50 -7.29
N TYR B 167 6.16 -17.01 -8.45
CA TYR B 167 6.63 -17.48 -9.78
C TYR B 167 7.46 -16.44 -10.51
N GLY B 168 7.85 -15.36 -9.82
CA GLY B 168 8.75 -14.40 -10.42
C GLY B 168 8.15 -13.49 -11.47
N THR B 169 6.84 -13.23 -11.36
CA THR B 169 6.19 -12.32 -12.29
C THR B 169 6.51 -10.84 -12.04
N GLY B 170 6.29 -10.01 -13.05
CA GLY B 170 6.35 -8.56 -12.92
C GLY B 170 7.71 -7.90 -13.22
N TYR B 171 8.63 -8.62 -13.86
CA TYR B 171 9.91 -8.01 -14.19
C TYR B 171 9.75 -6.79 -15.11
N CYS B 172 10.60 -5.79 -14.88
CA CYS B 172 10.72 -4.62 -15.72
C CYS B 172 12.10 -4.02 -15.51
N ASP B 173 12.52 -3.18 -16.44
CA ASP B 173 13.75 -2.43 -16.24
C ASP B 173 13.78 -1.23 -17.18
N ALA B 174 14.88 -0.52 -17.17
CA ALA B 174 14.96 0.74 -17.89
C ALA B 174 15.11 0.60 -19.40
N GLN B 175 15.15 -0.63 -19.90
CA GLN B 175 15.23 -0.87 -21.35
C GLN B 175 13.86 -0.97 -22.04
N CYS B 176 12.78 -1.04 -21.26
CA CYS B 176 11.44 -1.07 -21.83
C CYS B 176 11.29 -2.19 -22.85
N PHE B 177 11.88 -3.35 -22.57
CA PHE B 177 11.74 -4.47 -23.51
C PHE B 177 10.31 -5.00 -23.61
N VAL B 178 9.94 -5.48 -24.80
CA VAL B 178 8.68 -6.15 -25.03
C VAL B 178 8.81 -7.61 -24.62
N THR B 179 8.01 -8.01 -23.65
CA THR B 179 7.94 -9.44 -23.31
C THR B 179 6.50 -9.93 -23.48
N PRO B 180 6.30 -11.22 -23.78
CA PRO B 180 4.95 -11.68 -24.11
C PRO B 180 3.95 -11.65 -22.95
N PHE B 181 4.49 -11.62 -21.73
CA PHE B 181 3.67 -11.37 -20.54
C PHE B 181 4.34 -10.20 -19.82
N ILE B 182 3.51 -9.32 -19.27
CA ILE B 182 3.91 -8.22 -18.41
C ILE B 182 2.99 -8.26 -17.18
N ASN B 183 3.57 -8.24 -15.98
CA ASN B 183 2.79 -8.40 -14.76
C ASN B 183 1.93 -9.68 -14.76
N GLY B 184 2.47 -10.76 -15.31
CA GLY B 184 1.77 -12.04 -15.34
C GLY B 184 0.59 -12.12 -16.28
N LEU B 185 0.42 -11.12 -17.14
CA LEU B 185 -0.71 -11.05 -18.08
C LEU B 185 -0.22 -11.00 -19.50
N GLY B 186 -0.97 -11.63 -20.41
CA GLY B 186 -0.61 -11.58 -21.82
C GLY B 186 -0.52 -10.15 -22.32
N ASN B 187 0.59 -9.82 -22.97
CA ASN B 187 0.90 -8.49 -23.45
C ASN B 187 0.38 -8.35 -24.89
N ILE B 188 -0.96 -8.35 -24.97
CA ILE B 188 -1.66 -8.45 -26.24
C ILE B 188 -1.24 -7.36 -27.21
N GLU B 189 -1.04 -6.15 -26.69
CA GLU B 189 -0.69 -4.99 -27.52
C GLU B 189 0.80 -4.79 -27.73
N GLY B 190 1.62 -5.69 -27.23
CA GLY B 190 3.05 -5.63 -27.49
C GLY B 190 3.77 -4.42 -26.92
N LYS B 191 3.37 -4.01 -25.74
CA LYS B 191 3.99 -2.86 -25.08
C LYS B 191 5.31 -3.26 -24.45
N GLY B 192 6.11 -2.26 -24.11
CA GLY B 192 7.37 -2.47 -23.38
C GLY B 192 7.20 -2.40 -21.89
N SER B 193 8.08 -3.12 -21.18
CA SER B 193 8.00 -3.24 -19.72
C SER B 193 9.05 -2.35 -19.04
N CYS B 194 8.64 -1.14 -18.70
CA CYS B 194 9.54 -0.08 -18.22
C CYS B 194 9.53 0.10 -16.72
N CYS B 195 10.69 0.32 -16.12
CA CYS B 195 10.75 0.86 -14.74
C CYS B 195 12.13 1.36 -14.40
N ASN B 196 12.19 2.23 -13.40
CA ASN B 196 13.45 2.68 -12.81
C ASN B 196 14.32 1.48 -12.44
N SER B 197 15.62 1.61 -12.69
CA SER B 197 16.58 0.53 -12.38
C SER B 197 17.82 1.16 -11.79
N MET B 198 18.26 0.65 -10.65
CA MET B 198 19.50 1.06 -10.04
C MET B 198 20.51 -0.09 -10.19
N ASP B 199 21.50 0.11 -11.05
CA ASP B 199 22.49 -0.95 -11.31
C ASP B 199 23.62 -0.81 -10.30
N ILE B 200 23.44 -1.50 -9.17
CA ILE B 200 24.49 -1.50 -8.15
C ILE B 200 25.78 -2.07 -8.73
N TRP B 201 25.67 -3.21 -9.40
CA TRP B 201 26.81 -3.97 -9.89
C TRP B 201 26.49 -4.57 -11.24
N GLU B 202 27.31 -4.21 -12.23
CA GLU B 202 27.40 -4.93 -13.52
C GLU B 202 28.91 -5.05 -13.74
N ALA B 203 29.41 -6.26 -13.71
CA ALA B 203 30.84 -6.44 -13.67
C ALA B 203 31.32 -7.83 -14.05
N ASN B 204 32.60 -7.90 -14.38
CA ASN B 204 33.31 -9.16 -14.57
C ASN B 204 34.67 -8.99 -13.92
N SER B 205 35.62 -9.88 -14.21
CA SER B 205 36.94 -9.79 -13.59
C SER B 205 37.81 -8.71 -14.25
N ARG B 206 37.30 -8.09 -15.32
CA ARG B 206 38.06 -7.10 -16.06
C ARG B 206 37.56 -5.65 -15.88
N ALA B 207 36.31 -5.46 -15.45
CA ALA B 207 35.72 -4.13 -15.34
C ALA B 207 34.56 -4.18 -14.37
N SER B 208 34.35 -3.05 -13.67
CA SER B 208 33.29 -2.89 -12.69
C SER B 208 32.52 -1.60 -13.00
N HIS B 209 31.22 -1.71 -13.20
CA HIS B 209 30.35 -0.60 -13.59
C HIS B 209 29.20 -0.46 -12.59
N VAL B 210 28.89 0.79 -12.27
CA VAL B 210 27.75 1.16 -11.41
C VAL B 210 26.92 2.16 -12.22
N ALA B 211 25.60 2.05 -12.22
CA ALA B 211 24.78 3.04 -12.91
C ALA B 211 23.33 3.13 -12.48
N PRO B 212 22.89 4.30 -12.02
CA PRO B 212 21.48 4.57 -11.91
C PRO B 212 20.86 4.84 -13.28
N HIS B 213 19.62 4.39 -13.45
CA HIS B 213 18.83 4.60 -14.66
C HIS B 213 17.44 5.11 -14.22
N THR B 214 17.14 6.38 -14.49
CA THR B 214 15.82 6.96 -14.20
C THR B 214 14.78 6.73 -15.28
N CYS B 215 13.51 6.71 -14.87
CA CYS B 215 12.36 6.83 -15.78
C CYS B 215 11.46 7.90 -15.20
N ASN B 216 10.66 8.56 -16.04
CA ASN B 216 9.69 9.56 -15.56
C ASN B 216 8.33 8.97 -15.19
N LYS B 217 8.30 7.69 -14.91
CA LYS B 217 7.11 6.96 -14.49
C LYS B 217 7.46 6.15 -13.27
N LYS B 218 6.49 5.98 -12.36
CA LYS B 218 6.66 5.20 -11.12
C LYS B 218 6.23 3.76 -11.32
N GLY B 219 7.02 2.84 -10.77
CA GLY B 219 6.74 1.43 -10.91
C GLY B 219 6.77 0.94 -12.33
N LEU B 220 6.10 -0.16 -12.60
CA LEU B 220 6.09 -0.71 -13.93
C LEU B 220 5.14 0.09 -14.82
N TYR B 221 5.64 0.58 -15.94
CA TYR B 221 4.87 1.32 -16.94
C TYR B 221 4.92 0.61 -18.28
N LEU B 222 3.75 0.36 -18.86
CA LEU B 222 3.67 -0.31 -20.15
C LEU B 222 3.71 0.76 -21.25
N CYS B 223 4.84 0.84 -21.95
CA CYS B 223 5.06 1.86 -22.94
C CYS B 223 4.60 1.44 -24.33
N GLU B 224 4.19 2.43 -25.12
CA GLU B 224 3.91 2.17 -26.53
C GLU B 224 4.69 3.13 -27.43
N GLY B 225 5.04 2.63 -28.62
CA GLY B 225 5.71 3.43 -29.62
C GLY B 225 6.98 4.10 -29.13
N GLU B 226 7.06 5.39 -29.36
CA GLU B 226 8.21 6.22 -28.99
C GLU B 226 8.53 6.24 -27.48
N GLU B 227 7.54 5.96 -26.64
CA GLU B 227 7.78 5.92 -25.18
C GLU B 227 8.85 4.87 -24.84
N CYS B 228 8.93 3.83 -25.66
CA CYS B 228 9.87 2.73 -25.38
C CYS B 228 11.27 2.95 -25.92
N ALA B 229 11.44 4.01 -26.72
CA ALA B 229 12.67 4.24 -27.45
C ALA B 229 13.63 5.11 -26.65
N PHE B 230 14.77 5.41 -27.24
CA PHE B 230 15.84 6.14 -26.54
C PHE B 230 15.32 7.48 -26.01
N GLU B 231 14.48 8.15 -26.79
CA GLU B 231 13.94 9.43 -26.41
C GLU B 231 12.62 9.37 -25.61
N GLY B 232 12.32 8.19 -25.08
CA GLY B 232 11.10 7.94 -24.36
C GLY B 232 11.18 8.13 -22.86
N VAL B 233 10.47 7.27 -22.13
CA VAL B 233 10.22 7.46 -20.72
C VAL B 233 11.33 6.96 -19.78
N CYS B 234 12.26 6.15 -20.30
CA CYS B 234 13.35 5.59 -19.49
C CYS B 234 14.73 5.89 -20.09
N ASP B 235 15.71 5.91 -19.19
CA ASP B 235 17.10 6.18 -19.48
C ASP B 235 17.80 4.83 -19.74
N LYS B 236 17.99 4.52 -21.03
CA LYS B 236 18.58 3.24 -21.44
C LYS B 236 20.06 3.18 -21.05
N ASN B 237 20.81 4.26 -21.21
CA ASN B 237 22.26 4.23 -20.97
C ASN B 237 22.63 4.18 -19.52
N GLY B 238 21.94 4.96 -18.70
CA GLY B 238 22.29 5.10 -17.31
C GLY B 238 23.39 6.11 -17.14
N CYS B 239 23.58 6.60 -15.91
CA CYS B 239 24.73 7.41 -15.59
C CYS B 239 25.84 6.49 -15.13
N GLY B 240 26.78 6.19 -16.01
CA GLY B 240 27.74 5.16 -15.73
C GLY B 240 28.94 5.60 -14.92
N TRP B 241 29.41 4.70 -14.04
CA TRP B 241 30.57 4.92 -13.21
C TRP B 241 31.48 3.71 -13.36
N ASN B 242 32.65 3.89 -13.96
CA ASN B 242 33.61 2.83 -14.26
C ASN B 242 34.98 3.51 -14.27
N ASN B 243 35.90 3.00 -13.46
CA ASN B 243 37.23 3.60 -13.32
C ASN B 243 37.90 3.82 -14.66
N TYR B 244 37.77 2.88 -15.60
CA TYR B 244 38.36 3.07 -16.92
C TYR B 244 37.77 4.26 -17.67
N ARG B 245 36.46 4.46 -17.58
CA ARG B 245 35.80 5.57 -18.28
C ARG B 245 36.26 6.93 -17.78
N VAL B 246 36.69 6.99 -16.54
CA VAL B 246 37.18 8.22 -15.95
C VAL B 246 38.70 8.24 -15.84
N ASN B 247 39.37 7.37 -16.59
CA ASN B 247 40.82 7.42 -16.83
C ASN B 247 41.65 7.06 -15.61
N VAL B 248 41.21 6.01 -14.90
CA VAL B 248 41.96 5.42 -13.80
C VAL B 248 42.06 3.92 -14.13
N THR B 249 43.14 3.55 -14.80
CA THR B 249 43.21 2.21 -15.43
C THR B 249 43.81 1.12 -14.56
N ASP B 250 44.26 1.49 -13.36
CA ASP B 250 44.95 0.58 -12.47
C ASP B 250 44.18 0.24 -11.19
N TYR B 251 42.87 0.50 -11.20
CA TYR B 251 42.04 0.36 -10.02
C TYR B 251 41.49 -1.06 -9.79
N TYR B 252 41.13 -1.78 -10.86
CA TYR B 252 40.31 -2.98 -10.78
C TYR B 252 40.70 -3.91 -11.88
N GLY B 253 41.11 -5.12 -11.53
CA GLY B 253 41.48 -6.09 -12.56
C GLY B 253 42.18 -7.33 -12.04
N ARG B 254 42.58 -8.18 -12.97
CA ARG B 254 43.18 -9.48 -12.64
C ARG B 254 44.69 -9.34 -12.33
N GLY B 255 45.00 -9.26 -11.05
CA GLY B 255 46.42 -9.24 -10.64
C GLY B 255 46.72 -8.28 -9.51
N GLU B 256 47.92 -8.44 -8.94
CA GLU B 256 48.33 -7.61 -7.81
C GLU B 256 48.61 -6.14 -8.20
N GLU B 257 48.75 -5.85 -9.49
CA GLU B 257 48.94 -4.48 -9.92
C GLU B 257 47.67 -3.64 -9.90
N PHE B 258 46.54 -4.25 -9.56
CA PHE B 258 45.29 -3.50 -9.45
C PHE B 258 44.90 -3.31 -7.99
N LYS B 259 44.29 -2.18 -7.66
CA LYS B 259 43.90 -1.93 -6.27
C LYS B 259 42.90 -2.97 -5.76
N VAL B 260 41.93 -3.34 -6.61
CA VAL B 260 41.04 -4.46 -6.36
C VAL B 260 41.45 -5.57 -7.30
N ASN B 261 41.93 -6.68 -6.73
CA ASN B 261 42.50 -7.81 -7.49
C ASN B 261 41.45 -8.89 -7.67
N THR B 262 40.89 -8.97 -8.87
CA THR B 262 39.77 -9.87 -9.14
C THR B 262 40.16 -11.35 -9.24
N LEU B 263 41.44 -11.67 -9.08
CA LEU B 263 41.85 -13.06 -8.92
C LEU B 263 41.48 -13.65 -7.55
N LYS B 264 41.00 -12.80 -6.64
CA LYS B 264 40.57 -13.19 -5.31
C LYS B 264 39.20 -12.58 -4.99
N PRO B 265 38.45 -13.18 -4.08
CA PRO B 265 37.18 -12.58 -3.65
C PRO B 265 37.36 -11.24 -2.97
N PHE B 266 36.29 -10.44 -2.97
CA PHE B 266 36.32 -9.11 -2.35
C PHE B 266 34.92 -8.69 -1.97
N THR B 267 34.85 -7.60 -1.18
CA THR B 267 33.59 -7.01 -0.72
C THR B 267 33.33 -5.70 -1.44
N VAL B 268 32.06 -5.52 -1.78
CA VAL B 268 31.57 -4.39 -2.58
C VAL B 268 30.56 -3.62 -1.76
N VAL B 269 30.88 -2.36 -1.45
CA VAL B 269 30.05 -1.48 -0.64
C VAL B 269 29.47 -0.35 -1.48
N THR B 270 28.16 -0.13 -1.35
CA THR B 270 27.50 0.96 -2.06
C THR B 270 26.60 1.74 -1.13
N GLN B 271 26.92 3.04 -1.00
CA GLN B 271 26.19 3.96 -0.11
C GLN B 271 25.36 4.94 -0.91
N PHE B 272 24.10 5.15 -0.48
CA PHE B 272 23.14 6.04 -1.11
C PHE B 272 22.96 7.25 -0.19
N LEU B 273 23.76 8.28 -0.45
CA LEU B 273 23.89 9.41 0.50
C LEU B 273 22.87 10.49 0.20
N ALA B 274 22.13 10.89 1.24
CA ALA B 274 21.01 11.79 1.06
C ALA B 274 21.37 13.18 1.57
N ASN B 275 20.71 14.20 1.02
CA ASN B 275 20.89 15.59 1.48
C ASN B 275 20.07 15.75 2.74
N ARG B 276 20.12 16.94 3.35
CA ARG B 276 19.48 17.09 4.65
C ARG B 276 18.00 16.68 4.58
N ARG B 277 17.31 17.13 3.53
CA ARG B 277 15.86 16.85 3.37
C ARG B 277 15.46 15.46 2.88
N GLY B 278 16.41 14.53 2.86
CA GLY B 278 16.10 13.13 2.63
C GLY B 278 16.11 12.68 1.17
N LYS B 279 16.51 13.56 0.26
CA LYS B 279 16.61 13.18 -1.14
C LYS B 279 18.02 12.72 -1.44
N LEU B 280 18.09 11.81 -2.38
CA LEU B 280 19.37 11.28 -2.79
C LEU B 280 20.26 12.31 -3.49
N GLU B 281 21.51 12.39 -3.04
CA GLU B 281 22.49 13.32 -3.55
C GLU B 281 23.70 12.67 -4.23
N LYS B 282 24.23 11.61 -3.62
CA LYS B 282 25.47 10.98 -4.07
C LYS B 282 25.34 9.47 -3.96
N ILE B 283 26.01 8.75 -4.85
CA ILE B 283 26.17 7.31 -4.75
C ILE B 283 27.66 7.02 -4.69
N HIS B 284 28.04 6.29 -3.65
CA HIS B 284 29.43 6.06 -3.29
C HIS B 284 29.78 4.59 -3.27
N ARG B 285 30.77 4.20 -4.08
CA ARG B 285 31.23 2.81 -4.16
C ARG B 285 32.67 2.71 -3.67
N PHE B 286 32.90 1.84 -2.71
CA PHE B 286 34.24 1.41 -2.36
C PHE B 286 34.26 -0.08 -2.06
N TYR B 287 35.45 -0.61 -1.82
CA TYR B 287 35.65 -2.06 -1.73
C TYR B 287 36.42 -2.40 -0.47
N VAL B 288 36.40 -3.69 -0.12
CA VAL B 288 37.23 -4.24 0.95
C VAL B 288 37.83 -5.54 0.43
N GLN B 289 39.13 -5.73 0.63
CA GLN B 289 39.76 -6.97 0.24
C GLN B 289 40.93 -7.22 1.16
N ASP B 290 41.07 -8.48 1.56
CA ASP B 290 42.07 -8.94 2.53
C ASP B 290 42.05 -8.10 3.80
N GLY B 291 40.85 -7.74 4.23
CA GLY B 291 40.64 -7.01 5.50
C GLY B 291 40.89 -5.51 5.48
N LYS B 292 41.15 -4.98 4.29
CA LYS B 292 41.54 -3.59 4.12
C LYS B 292 40.55 -2.87 3.21
N VAL B 293 40.09 -1.71 3.67
CA VAL B 293 39.25 -0.83 2.86
C VAL B 293 40.06 -0.24 1.73
N ILE B 294 39.46 -0.29 0.53
CA ILE B 294 40.01 0.28 -0.68
C ILE B 294 39.05 1.39 -1.09
N GLU B 295 39.46 2.64 -0.86
CA GLU B 295 38.59 3.79 -1.07
C GLU B 295 38.37 3.93 -2.56
N SER B 296 37.32 4.63 -2.95
CA SER B 296 37.08 4.87 -4.36
C SER B 296 38.16 5.73 -4.97
N PHE B 297 38.46 5.47 -6.24
CA PHE B 297 39.20 6.40 -7.07
C PHE B 297 38.44 7.72 -7.22
N TYR B 298 39.18 8.76 -7.63
CA TYR B 298 38.60 10.01 -8.10
C TYR B 298 38.75 10.02 -9.58
N THR B 299 37.86 10.74 -10.25
CA THR B 299 37.94 10.90 -11.71
C THR B 299 39.27 11.56 -12.08
N ASN B 300 39.73 11.29 -13.29
CA ASN B 300 41.02 11.83 -13.76
C ASN B 300 40.97 12.10 -15.25
N LYS B 301 39.94 12.82 -15.69
CA LYS B 301 39.69 13.00 -17.13
C LYS B 301 39.33 14.42 -17.44
N GLU B 302 39.98 14.99 -18.44
CA GLU B 302 39.67 16.35 -18.89
C GLU B 302 38.21 16.48 -19.20
N GLY B 303 37.56 17.49 -18.64
CA GLY B 303 36.15 17.76 -18.88
C GLY B 303 35.21 17.12 -17.89
N VAL B 304 35.76 16.28 -17.02
CA VAL B 304 34.97 15.59 -16.00
C VAL B 304 35.31 16.22 -14.64
N PRO B 305 34.30 16.77 -13.95
CA PRO B 305 34.52 17.34 -12.63
C PRO B 305 35.22 16.33 -11.71
N TYR B 306 36.13 16.83 -10.88
CA TYR B 306 36.83 16.00 -9.90
C TYR B 306 35.83 15.51 -8.85
N THR B 307 35.68 14.18 -8.76
CA THR B 307 34.73 13.57 -7.84
C THR B 307 35.11 12.11 -7.60
N ASN B 308 34.74 11.59 -6.42
CA ASN B 308 34.83 10.17 -6.12
C ASN B 308 33.45 9.54 -5.93
N MET B 309 32.39 10.24 -6.34
CA MET B 309 31.02 9.74 -6.24
C MET B 309 30.19 10.16 -7.44
N ILE B 310 29.20 9.35 -7.73
CA ILE B 310 28.16 9.69 -8.71
C ILE B 310 27.26 10.77 -8.13
N ASP B 311 27.06 11.84 -8.90
CA ASP B 311 26.11 12.89 -8.56
C ASP B 311 25.66 13.62 -9.83
N ASP B 312 24.71 14.54 -9.72
CA ASP B 312 24.19 15.24 -10.88
C ASP B 312 25.29 15.95 -11.69
N GLU B 313 26.23 16.60 -11.01
CA GLU B 313 27.30 17.34 -11.74
C GLU B 313 28.06 16.38 -12.65
N PHE B 314 28.48 15.26 -12.07
CA PHE B 314 29.14 14.19 -12.83
C PHE B 314 28.30 13.65 -13.99
N CYS B 315 27.03 13.32 -13.71
CA CYS B 315 26.19 12.72 -14.74
C CYS B 315 25.92 13.67 -15.90
N GLU B 316 25.69 14.94 -15.60
CA GLU B 316 25.54 15.96 -16.65
C GLU B 316 26.82 16.14 -17.47
N ALA B 317 27.97 16.18 -16.79
CA ALA B 317 29.24 16.43 -17.45
C ALA B 317 29.67 15.28 -18.36
N THR B 318 29.23 14.06 -18.05
CA THR B 318 29.56 12.88 -18.86
C THR B 318 28.49 12.57 -19.91
N GLY B 319 27.56 13.49 -20.11
CA GLY B 319 26.60 13.36 -21.19
C GLY B 319 25.42 12.44 -20.94
N SER B 320 25.08 12.24 -19.67
CA SER B 320 23.97 11.34 -19.27
C SER B 320 22.66 12.12 -19.38
N ARG B 321 22.27 12.43 -20.61
CA ARG B 321 21.19 13.40 -20.81
C ARG B 321 19.84 12.89 -20.40
N LYS B 322 19.49 11.68 -20.82
CA LYS B 322 18.19 11.14 -20.41
C LYS B 322 18.11 10.91 -18.90
N TYR B 323 19.20 10.49 -18.27
CA TYR B 323 19.23 10.33 -16.83
C TYR B 323 18.78 11.63 -16.15
N MET B 324 19.35 12.74 -16.59
CA MET B 324 19.02 14.06 -16.03
C MET B 324 17.60 14.50 -16.38
N GLU B 325 17.20 14.35 -17.63
CA GLU B 325 15.86 14.80 -18.05
C GLU B 325 14.73 13.98 -17.42
N LEU B 326 15.01 12.73 -17.08
CA LEU B 326 13.95 11.82 -16.59
C LEU B 326 13.87 11.73 -15.09
N GLY B 327 14.64 12.55 -14.39
CA GLY B 327 14.49 12.64 -12.93
C GLY B 327 15.72 12.96 -12.15
N ALA B 328 16.87 12.68 -12.75
CA ALA B 328 18.17 12.92 -12.15
C ALA B 328 18.36 12.12 -10.86
N THR B 329 19.34 12.48 -10.04
CA THR B 329 19.65 11.68 -8.85
C THR B 329 18.49 11.72 -7.85
N GLN B 330 17.82 12.87 -7.74
CA GLN B 330 16.62 12.93 -6.87
C GLN B 330 15.57 11.91 -7.29
N GLY B 331 15.31 11.84 -8.58
CA GLY B 331 14.30 10.92 -9.10
C GLY B 331 14.70 9.48 -8.83
N MET B 332 15.96 9.13 -9.07
CA MET B 332 16.46 7.78 -8.74
C MET B 332 16.22 7.50 -7.28
N GLY B 333 16.55 8.46 -6.43
CA GLY B 333 16.33 8.32 -5.00
C GLY B 333 14.90 8.15 -4.57
N GLU B 334 14.00 8.82 -5.28
CA GLU B 334 12.58 8.67 -4.98
C GLU B 334 12.10 7.26 -5.29
N ALA B 335 12.61 6.67 -6.36
CA ALA B 335 12.32 5.25 -6.63
C ALA B 335 12.88 4.35 -5.53
N LEU B 336 14.11 4.62 -5.12
CA LEU B 336 14.75 3.80 -4.10
C LEU B 336 13.96 3.88 -2.79
N THR B 337 13.43 5.06 -2.47
CA THR B 337 12.66 5.28 -1.26
C THR B 337 11.32 4.58 -1.32
N ARG B 338 10.66 4.63 -2.48
CA ARG B 338 9.40 3.91 -2.63
C ARG B 338 9.57 2.41 -2.38
N GLY B 339 10.71 1.86 -2.80
CA GLY B 339 11.00 0.45 -2.60
C GLY B 339 11.29 -0.23 -3.92
N MET B 340 12.32 -1.07 -3.93
CA MET B 340 12.70 -1.76 -5.17
C MET B 340 13.03 -3.23 -4.87
N VAL B 341 12.98 -4.00 -5.94
CA VAL B 341 13.23 -5.44 -5.90
C VAL B 341 14.66 -5.71 -6.37
N LEU B 342 15.33 -6.61 -5.65
CA LEU B 342 16.69 -7.06 -5.94
C LEU B 342 16.68 -8.20 -6.96
N ALA B 343 17.35 -7.93 -8.09
CA ALA B 343 17.57 -8.88 -9.18
C ALA B 343 19.08 -9.18 -9.29
N MET B 344 19.38 -10.46 -9.54
CA MET B 344 20.74 -10.93 -9.70
C MET B 344 20.77 -11.84 -10.91
N SER B 345 21.72 -11.60 -11.80
CA SER B 345 21.77 -12.37 -13.07
C SER B 345 23.18 -12.54 -13.62
N ILE B 346 23.27 -13.41 -14.61
CA ILE B 346 24.51 -13.61 -15.35
C ILE B 346 24.14 -13.71 -16.82
N TRP B 347 24.83 -12.95 -17.67
CA TRP B 347 24.49 -12.94 -19.08
C TRP B 347 25.64 -12.54 -19.98
N TRP B 348 25.49 -12.82 -21.26
CA TRP B 348 26.45 -12.40 -22.28
C TRP B 348 25.67 -11.78 -23.46
N ASP B 349 26.41 -11.33 -24.47
CA ASP B 349 25.87 -10.42 -25.48
C ASP B 349 26.38 -10.81 -26.87
N GLN B 350 25.60 -11.61 -27.60
CA GLN B 350 26.00 -12.06 -28.92
C GLN B 350 26.08 -10.89 -29.89
N GLY B 351 25.19 -9.92 -29.77
CA GLY B 351 25.15 -8.81 -30.71
C GLY B 351 26.32 -7.82 -30.63
N GLY B 352 26.76 -7.53 -29.41
CA GLY B 352 27.64 -6.42 -29.13
C GLY B 352 28.83 -6.71 -28.22
N ASN B 353 28.97 -7.96 -27.78
CA ASN B 353 30.12 -8.43 -26.99
C ASN B 353 30.29 -7.70 -25.63
N MET B 354 29.24 -7.03 -25.16
CA MET B 354 29.30 -6.30 -23.89
C MET B 354 30.42 -5.24 -23.90
N GLU B 355 30.67 -4.66 -25.07
CA GLU B 355 31.79 -3.72 -25.20
C GLU B 355 31.69 -2.52 -24.26
N TRP B 356 30.46 -2.06 -24.00
CA TRP B 356 30.23 -0.91 -23.12
C TRP B 356 30.70 -1.16 -21.70
N LEU B 357 30.82 -2.42 -21.33
CA LEU B 357 31.24 -2.76 -19.96
C LEU B 357 32.78 -2.77 -19.82
N ASP B 358 33.52 -3.33 -20.78
CA ASP B 358 34.92 -3.67 -20.54
C ASP B 358 35.86 -3.47 -21.72
N HIS B 359 35.42 -2.74 -22.75
CA HIS B 359 36.26 -2.52 -23.94
C HIS B 359 36.41 -1.04 -24.25
N GLY B 360 37.56 -0.66 -24.80
CA GLY B 360 37.75 0.70 -25.31
C GLY B 360 37.83 1.70 -24.18
N GLU B 361 36.85 2.61 -24.15
CA GLU B 361 36.76 3.62 -23.07
C GLU B 361 36.54 2.95 -21.73
N ALA B 362 36.00 1.72 -21.77
CA ALA B 362 35.49 1.04 -20.59
C ALA B 362 36.34 -0.06 -19.98
N GLY B 363 37.44 -0.46 -20.62
CA GLY B 363 38.26 -1.51 -20.03
C GLY B 363 39.31 -2.06 -20.95
N PRO B 364 39.95 -3.14 -20.53
CA PRO B 364 41.13 -3.67 -21.20
C PRO B 364 40.87 -4.76 -22.24
N CYS B 365 39.60 -5.13 -22.40
CA CYS B 365 39.24 -6.22 -23.29
C CYS B 365 39.43 -5.84 -24.74
N ALA B 366 39.99 -6.76 -25.54
CA ALA B 366 40.26 -6.48 -26.95
C ALA B 366 39.02 -6.63 -27.79
N LYS B 367 39.04 -6.05 -28.98
CA LYS B 367 37.98 -6.23 -29.94
C LYS B 367 37.83 -7.74 -30.22
N GLY B 368 36.59 -8.22 -30.09
CA GLY B 368 36.26 -9.63 -30.28
C GLY B 368 36.44 -10.53 -29.06
N GLU B 369 37.10 -10.04 -28.02
CA GLU B 369 37.45 -10.87 -26.87
C GLU B 369 36.23 -11.30 -26.08
N GLY B 370 35.22 -10.42 -26.07
CA GLY B 370 33.97 -10.64 -25.37
C GLY B 370 32.88 -11.36 -26.13
N ALA B 371 33.16 -11.79 -27.35
CA ALA B 371 32.22 -12.58 -28.12
C ALA B 371 31.95 -13.88 -27.38
N PRO B 372 30.70 -14.32 -27.26
CA PRO B 372 30.43 -15.64 -26.67
C PRO B 372 31.28 -16.79 -27.20
N SER B 373 31.53 -16.81 -28.51
CA SER B 373 32.37 -17.84 -29.11
C SER B 373 33.79 -17.82 -28.54
N ASN B 374 34.25 -16.64 -28.13
CA ASN B 374 35.56 -16.53 -27.45
C ASN B 374 35.48 -16.82 -25.96
N ILE B 375 34.43 -16.33 -25.32
CA ILE B 375 34.26 -16.55 -23.89
C ILE B 375 34.39 -18.02 -23.55
N VAL B 376 33.74 -18.90 -24.31
CA VAL B 376 33.75 -20.31 -23.96
C VAL B 376 35.12 -20.96 -24.14
N GLN B 377 36.00 -20.37 -24.94
CA GLN B 377 37.38 -20.87 -25.05
C GLN B 377 38.21 -20.45 -23.86
N VAL B 378 37.94 -19.26 -23.32
CA VAL B 378 38.66 -18.73 -22.16
C VAL B 378 38.16 -19.34 -20.84
N GLU B 379 36.84 -19.42 -20.70
CA GLU B 379 36.19 -19.97 -19.52
C GLU B 379 34.95 -20.72 -19.96
N PRO B 380 35.06 -22.04 -20.09
CA PRO B 380 33.94 -22.85 -20.56
C PRO B 380 32.73 -22.85 -19.63
N PHE B 381 32.93 -22.51 -18.35
CA PHE B 381 31.82 -22.49 -17.39
C PHE B 381 31.81 -21.20 -16.58
N PRO B 382 31.43 -20.09 -17.21
CA PRO B 382 31.40 -18.82 -16.47
C PRO B 382 30.33 -18.87 -15.38
N GLU B 383 30.66 -18.25 -14.25
CA GLU B 383 29.82 -18.26 -13.08
C GLU B 383 30.23 -17.15 -12.13
N VAL B 384 29.29 -16.81 -11.24
CA VAL B 384 29.52 -15.82 -10.19
C VAL B 384 28.91 -16.33 -8.90
N THR B 385 29.53 -15.97 -7.78
CA THR B 385 28.94 -16.25 -6.46
C THR B 385 28.88 -14.97 -5.66
N TYR B 386 27.68 -14.67 -5.15
CA TYR B 386 27.41 -13.51 -4.29
C TYR B 386 27.16 -14.07 -2.89
N THR B 387 27.81 -13.47 -1.88
CA THR B 387 27.74 -13.99 -0.51
C THR B 387 27.51 -12.88 0.50
N ASN B 388 26.76 -13.19 1.53
CA ASN B 388 26.52 -12.27 2.64
C ASN B 388 25.89 -10.95 2.19
N LEU B 389 24.83 -11.03 1.41
CA LEU B 389 24.08 -9.83 1.06
C LEU B 389 23.61 -9.16 2.34
N ARG B 390 23.88 -7.87 2.48
CA ARG B 390 23.61 -7.20 3.73
C ARG B 390 23.39 -5.72 3.51
N TRP B 391 22.39 -5.16 4.19
CA TRP B 391 22.11 -3.75 3.99
C TRP B 391 21.59 -3.11 5.27
N GLY B 392 21.77 -1.80 5.36
CA GLY B 392 21.40 -1.10 6.55
C GLY B 392 22.08 0.23 6.73
N GLU B 393 22.30 0.59 7.99
CA GLU B 393 22.83 1.89 8.33
C GLU B 393 24.20 2.15 7.73
N ILE B 394 24.41 3.40 7.30
CA ILE B 394 25.69 3.81 6.78
C ILE B 394 26.79 3.47 7.78
N GLY B 395 27.84 2.83 7.26
CA GLY B 395 28.95 2.41 8.05
C GLY B 395 28.83 1.12 8.82
N SER B 396 27.69 0.43 8.76
CA SER B 396 27.47 -0.77 9.58
C SER B 396 27.66 -2.11 8.90
N THR B 397 27.80 -2.13 7.57
CA THR B 397 27.78 -3.42 6.85
C THR B 397 29.17 -4.03 6.65
N TYR B 398 30.24 -3.30 6.94
CA TYR B 398 31.59 -3.73 6.58
C TYR B 398 32.55 -3.53 7.72
N GLN B 399 33.76 -3.74 7.56
C1 GLC C . -19.87 10.83 7.68
C2 GLC C . -20.60 10.55 6.38
C3 GLC C . -21.18 9.13 6.38
C4 GLC C . -20.07 8.11 6.69
C5 GLC C . -19.45 8.48 8.04
C6 GLC C . -18.33 7.56 8.49
O1 GLC C . -20.79 10.98 8.75
O2 GLC C . -21.61 11.54 6.30
O3 GLC C . -21.78 8.86 5.12
O4 GLC C . -20.73 6.84 6.83
O5 GLC C . -18.93 9.81 7.99
O6 GLC C . -17.28 7.57 7.54
C2 BGC C . -20.60 4.46 6.69
C3 BGC C . -20.18 3.25 5.88
C4 BGC C . -20.53 3.43 4.40
C5 BGC C . -20.07 4.79 3.90
C6 BGC C . -20.51 5.08 2.47
C1 BGC C . -20.16 5.77 6.05
O2 BGC C . -20.13 4.34 8.02
O3 BGC C . -20.83 2.09 6.38
O4 BGC C . -19.93 2.37 3.64
O5 BGC C . -20.64 5.81 4.73
O6 BGC C . -19.93 6.27 1.94
C2 BGC D . -14.76 15.36 -1.35
C3 BGC D . -15.68 14.74 -0.32
C4 BGC D . -15.11 14.97 1.09
C5 BGC D . -14.65 16.42 1.31
C6 BGC D . -13.87 16.60 2.60
C1 BGC D . -14.56 16.81 -0.99
O1 BGC D . -13.80 17.46 -1.98
O2 BGC D . -15.36 15.30 -2.63
O3 BGC D . -15.94 13.37 -0.62
O4 BGC D . -16.13 14.75 2.01
O5 BGC D . -13.84 16.85 0.24
O6 BGC D . -13.63 17.97 2.79
C2 BGC D . -16.81 13.53 3.95
C3 BGC D . -16.90 12.12 4.50
C4 BGC D . -17.68 11.16 3.58
C5 BGC D . -17.07 11.24 2.19
C6 BGC D . -17.81 10.43 1.12
C1 BGC D . -16.22 13.42 2.56
O2 BGC D . -16.08 14.45 4.80
O3 BGC D . -17.53 12.13 5.76
O4 BGC D . -17.56 9.83 4.02
O5 BGC D . -17.07 12.59 1.79
O6 BGC D . -19.24 10.50 1.19
C1 GLC E . 20.20 -2.67 -16.47
C2 GLC E . 19.43 -2.93 -17.76
C3 GLC E . 18.82 -4.30 -17.75
C4 GLC E . 19.83 -5.37 -17.43
C5 GLC E . 20.50 -5.02 -16.11
C6 GLC E . 21.58 -6.00 -15.65
O1 GLC E . 19.26 -2.44 -15.41
O2 GLC E . 18.44 -1.89 -17.89
O3 GLC E . 18.20 -4.54 -19.02
O4 GLC E . 19.06 -6.57 -17.30
O5 GLC E . 21.09 -3.75 -16.15
O6 GLC E . 22.64 -6.07 -16.58
C2 BGC E . 19.10 -8.97 -17.32
C3 BGC E . 19.50 -10.21 -18.14
C4 BGC E . 19.14 -10.03 -19.61
C5 BGC E . 19.69 -8.71 -20.13
C6 BGC E . 19.21 -8.48 -21.56
C1 BGC E . 19.59 -7.69 -18.00
O2 BGC E . 19.56 -9.07 -15.99
O3 BGC E . 18.87 -11.36 -17.58
O4 BGC E . 19.68 -11.15 -20.31
O5 BGC E . 19.21 -7.61 -19.34
O6 BGC E . 19.84 -7.34 -22.13
C2 BGC F . 25.56 1.23 -25.64
C3 BGC F . 24.54 0.77 -24.61
C4 BGC F . 25.10 1.03 -23.21
C5 BGC F . 25.65 2.44 -23.07
C6 BGC F . 26.38 2.67 -21.75
C1 BGC F . 25.92 2.68 -25.37
O1 BGC F . 26.85 3.12 -26.32
O2 BGC F . 25.02 1.09 -26.94
O3 BGC F . 24.28 -0.60 -24.85
O4 BGC F . 24.08 0.92 -22.24
O5 BGC F . 26.55 2.72 -24.12
O6 BGC F . 26.77 4.03 -21.64
C2 BGC F . 23.33 -0.23 -20.29
C3 BGC F . 23.17 -1.62 -19.68
C4 BGC F . 22.38 -2.57 -20.59
C5 BGC F . 23.00 -2.58 -21.97
C6 BGC F . 22.18 -3.36 -23.00
C1 BGC F . 23.93 -0.40 -21.66
O2 BGC F . 24.11 0.70 -19.53
O3 BGC F . 22.54 -1.52 -18.43
O4 BGC F . 22.38 -3.90 -20.08
O5 BGC F . 23.15 -1.26 -22.45
O6 BGC F . 20.79 -3.14 -22.92
C1 NAG G . 4.30 24.90 6.90
C2 NAG G . 4.42 26.41 6.63
C3 NAG G . 5.91 26.77 6.54
C4 NAG G . 6.65 26.29 7.78
C5 NAG G . 6.43 24.79 7.94
C6 NAG G . 7.05 24.18 9.18
C7 NAG G . 2.62 27.52 5.35
C8 NAG G . 1.98 27.74 4.02
N2 NAG G . 3.72 26.76 5.41
O3 NAG G . 6.09 28.15 6.36
O4 NAG G . 8.04 26.53 7.66
O5 NAG G . 5.04 24.58 8.05
O6 NAG G . 6.64 24.86 10.36
O7 NAG G . 2.10 28.04 6.33
C1 GOL H . -2.25 34.43 15.14
O1 GOL H . -3.21 34.05 16.09
C2 GOL H . -1.77 35.83 15.43
O2 GOL H . -1.89 36.54 14.23
C3 GOL H . -2.62 36.43 16.57
O3 GOL H . -2.92 37.80 16.42
C1 NAG I . 44.59 10.17 -18.41
C2 NAG I . 44.60 11.65 -18.89
C3 NAG I . 46.02 12.06 -19.33
C4 NAG I . 47.05 11.68 -18.28
C5 NAG I . 46.87 10.21 -17.95
C6 NAG I . 47.88 9.65 -16.95
C7 NAG I . 42.68 12.73 -20.06
C8 NAG I . 41.81 12.70 -21.28
N2 NAG I . 43.67 11.84 -20.00
O3 NAG I . 46.10 13.47 -19.56
O4 NAG I . 48.37 11.92 -18.77
O5 NAG I . 45.56 10.06 -17.39
O6 NAG I . 47.78 8.24 -17.03
O7 NAG I . 42.50 13.61 -19.19
C1 GOL J . 29.37 -11.55 7.31
O1 GOL J . 29.14 -10.45 6.46
C2 GOL J . 28.03 -11.88 7.94
O2 GOL J . 28.19 -12.87 8.95
C3 GOL J . 27.35 -10.63 8.48
O3 GOL J . 28.26 -9.71 9.00
#